data_2BVN
#
_entry.id   2BVN
#
_cell.length_a   72.070
_cell.length_b   72.070
_cell.length_c   335.730
_cell.angle_alpha   90.00
_cell.angle_beta   90.00
_cell.angle_gamma   90.00
#
_symmetry.space_group_name_H-M   'P 43 21 2'
#
loop_
_entity.id
_entity.type
_entity.pdbx_description
1 polymer 'ELONGATION FACTOR TU'
2 non-polymer 'PHOSPHOAMINOPHOSPHONIC ACID-GUANYLATE ESTER'
3 non-polymer 'MAGNESIUM ION'
4 non-polymer 'ENACYLOXIN IIA'
5 water water
#
_entity_poly.entity_id   1
_entity_poly.type   'polypeptide(L)'
_entity_poly.pdbx_seq_one_letter_code
;SKEKFERTKPHVNVGTIGHVDHGKTTLTAAITTVLAKTYGGAARAFDQIDNAPEEKARGITINTSHVEYDTPTRHYAHVD
CPGHADYVKNMITGAAQMDGAILVVAATDGPMPQTREHILLGRQVGVPYIIVFLNKCDMVDDEELLELVEMEVRELLSQY
DFPGDDTPIVRGSALKALEGDAEWEAKILELAGFLDSYIPEPERAIDKPFLLPIEDVFSISGRGTVVTGRVERGIIKVGE
EVEIVGIKETQKSTCTGVEMFRKLLDEGRAGENVGVLLRGIKREEIERGQVLAKPGTIKPHTKFESEVYILSKDEGGRHT
PFFKGYRPQFYFRTTDVTGTIELPEGVEMVMPGDNIKMVVTLIHPIAMDDGLRFAIREGGRTVGAGVVAKVLS
;
_entity_poly.pdbx_strand_id   A,B
#
# COMPACT_ATOMS: atom_id res chain seq x y z
N LYS A 9 -40.16 -0.55 -2.88
CA LYS A 9 -39.42 0.71 -2.63
C LYS A 9 -38.01 0.66 -3.24
N PRO A 10 -37.73 1.57 -4.19
CA PRO A 10 -36.40 1.55 -4.80
C PRO A 10 -35.31 1.73 -3.75
N HIS A 11 -34.24 0.94 -3.88
CA HIS A 11 -33.09 1.01 -2.97
C HIS A 11 -32.05 1.98 -3.52
N VAL A 12 -31.52 2.85 -2.68
CA VAL A 12 -30.51 3.80 -3.10
C VAL A 12 -29.41 3.86 -2.03
N ASN A 13 -28.17 3.72 -2.47
CA ASN A 13 -27.02 3.75 -1.56
C ASN A 13 -26.36 5.10 -1.49
N VAL A 14 -26.29 5.66 -0.29
CA VAL A 14 -25.64 6.96 -0.10
C VAL A 14 -24.69 6.90 1.08
N GLY A 15 -24.22 8.06 1.52
CA GLY A 15 -23.30 8.09 2.64
C GLY A 15 -22.82 9.48 2.97
N THR A 16 -22.06 9.60 4.05
CA THR A 16 -21.52 10.89 4.47
C THR A 16 -19.99 10.94 4.32
N ILE A 17 -19.48 12.09 3.87
CA ILE A 17 -18.06 12.30 3.71
C ILE A 17 -17.79 13.74 4.10
N GLY A 18 -16.51 14.06 4.31
CA GLY A 18 -16.16 15.41 4.70
C GLY A 18 -15.06 15.38 5.77
N HIS A 19 -14.53 16.55 6.07
CA HIS A 19 -13.45 16.71 7.03
C HIS A 19 -13.75 16.22 8.44
N VAL A 20 -12.69 15.84 9.15
CA VAL A 20 -12.77 15.35 10.51
C VAL A 20 -13.60 16.26 11.41
N ASP A 21 -14.58 15.66 12.08
CA ASP A 21 -15.48 16.34 13.00
C ASP A 21 -16.39 17.44 12.45
N HIS A 22 -16.59 17.46 11.14
CA HIS A 22 -17.48 18.46 10.55
C HIS A 22 -18.96 18.10 10.83
N GLY A 23 -19.20 16.85 11.23
CA GLY A 23 -20.55 16.44 11.58
C GLY A 23 -21.16 15.26 10.86
N LYS A 24 -20.33 14.43 10.24
CA LYS A 24 -20.81 13.27 9.48
C LYS A 24 -21.68 12.31 10.28
N THR A 25 -21.15 11.85 11.41
CA THR A 25 -21.86 10.89 12.25
C THR A 25 -23.14 11.47 12.88
N THR A 26 -23.08 12.72 13.34
CA THR A 26 -24.24 13.36 13.94
C THR A 26 -25.34 13.51 12.89
N LEU A 27 -24.94 13.91 11.69
CA LEU A 27 -25.91 14.08 10.61
C LEU A 27 -26.58 12.74 10.32
N THR A 28 -25.79 11.68 10.29
CA THR A 28 -26.34 10.35 10.02
C THR A 28 -27.42 10.05 11.05
N ALA A 29 -27.13 10.36 12.30
CA ALA A 29 -28.07 10.12 13.39
C ALA A 29 -29.30 11.00 13.18
N ALA A 30 -29.08 12.28 12.91
CA ALA A 30 -30.18 13.22 12.70
C ALA A 30 -31.11 12.76 11.56
N ILE A 31 -30.52 12.22 10.48
CA ILE A 31 -31.33 11.75 9.36
C ILE A 31 -32.28 10.61 9.75
N THR A 32 -31.75 9.57 10.38
CA THR A 32 -32.60 8.46 10.81
C THR A 32 -33.70 8.83 11.80
N THR A 33 -33.39 9.66 12.80
CA THR A 33 -34.41 9.99 13.77
C THR A 33 -35.45 10.99 13.28
N VAL A 34 -35.07 11.93 12.43
CA VAL A 34 -36.05 12.89 11.95
C VAL A 34 -37.00 12.20 10.95
N LEU A 35 -36.44 11.37 10.09
CA LEU A 35 -37.25 10.64 9.11
C LEU A 35 -38.20 9.66 9.79
N ALA A 36 -37.73 8.97 10.84
CA ALA A 36 -38.57 8.03 11.56
C ALA A 36 -39.67 8.78 12.31
N LYS A 37 -39.33 9.95 12.86
CA LYS A 37 -40.29 10.77 13.62
C LYS A 37 -41.31 11.44 12.69
N THR A 38 -40.89 11.80 11.48
CA THR A 38 -41.76 12.47 10.52
C THR A 38 -42.62 11.57 9.63
N TYR A 39 -41.99 10.59 8.99
CA TYR A 39 -42.70 9.68 8.10
C TYR A 39 -42.85 8.31 8.72
N GLY A 40 -42.63 8.21 10.03
CA GLY A 40 -42.76 6.94 10.72
C GLY A 40 -44.16 6.38 10.62
N GLY A 41 -44.49 5.85 9.45
CA GLY A 41 -45.81 5.29 9.21
C GLY A 41 -46.20 5.40 7.75
N GLU A 55 -37.61 -6.74 15.53
CA GLU A 55 -37.00 -7.58 14.50
C GLU A 55 -35.50 -7.62 14.73
N LYS A 56 -34.93 -8.83 14.75
CA LYS A 56 -33.50 -9.00 14.97
C LYS A 56 -32.77 -9.09 13.63
N ALA A 57 -33.46 -8.69 12.57
CA ALA A 57 -32.91 -8.72 11.21
C ALA A 57 -32.01 -7.50 10.95
N ARG A 58 -30.73 -7.78 10.73
CA ARG A 58 -29.72 -6.75 10.44
C ARG A 58 -28.80 -7.31 9.37
N GLY A 59 -29.11 -7.00 8.11
CA GLY A 59 -28.26 -7.50 7.04
C GLY A 59 -26.91 -6.80 7.13
N ILE A 60 -26.83 -5.70 6.39
CA ILE A 60 -25.64 -4.89 6.30
C ILE A 60 -25.41 -4.01 7.52
N THR A 61 -26.43 -3.82 8.35
CA THR A 61 -26.30 -2.98 9.54
C THR A 61 -25.45 -3.63 10.63
N ILE A 62 -24.99 -4.85 10.37
CA ILE A 62 -24.14 -5.55 11.32
C ILE A 62 -22.88 -4.69 11.46
N ASN A 63 -22.64 -3.86 10.44
CA ASN A 63 -21.51 -2.93 10.42
C ASN A 63 -22.01 -1.63 11.04
N THR A 64 -21.31 -1.16 12.08
CA THR A 64 -21.68 0.05 12.80
C THR A 64 -21.89 1.31 11.96
N SER A 65 -21.07 1.48 10.92
CA SER A 65 -21.17 2.66 10.07
C SER A 65 -22.16 2.49 8.90
N HIS A 66 -23.04 1.49 9.00
CA HIS A 66 -24.05 1.23 7.97
C HIS A 66 -25.46 1.30 8.57
N VAL A 67 -26.25 2.28 8.12
CA VAL A 67 -27.61 2.41 8.61
C VAL A 67 -28.57 2.37 7.43
N GLU A 68 -29.85 2.25 7.74
CA GLU A 68 -30.88 2.22 6.71
C GLU A 68 -32.04 3.09 7.17
N TYR A 69 -32.65 3.80 6.23
CA TYR A 69 -33.78 4.65 6.54
C TYR A 69 -34.67 4.83 5.32
N ASP A 70 -35.87 5.37 5.55
CA ASP A 70 -36.84 5.56 4.49
C ASP A 70 -37.42 6.95 4.33
N THR A 71 -37.63 7.33 3.07
CA THR A 71 -38.31 8.58 2.77
C THR A 71 -39.65 8.03 2.27
N PRO A 72 -40.63 8.91 2.01
CA PRO A 72 -41.91 8.39 1.53
C PRO A 72 -41.88 7.42 0.34
N THR A 73 -40.96 7.61 -0.60
CA THR A 73 -40.92 6.75 -1.78
C THR A 73 -39.63 5.99 -1.99
N ARG A 74 -38.70 6.07 -1.06
CA ARG A 74 -37.44 5.36 -1.22
C ARG A 74 -36.84 4.78 0.04
N HIS A 75 -35.97 3.80 -0.16
CA HIS A 75 -35.26 3.13 0.91
C HIS A 75 -33.78 3.42 0.68
N TYR A 76 -33.07 3.81 1.74
CA TYR A 76 -31.66 4.14 1.65
C TYR A 76 -30.74 3.29 2.53
N ALA A 77 -29.57 2.98 1.97
CA ALA A 77 -28.51 2.25 2.67
C ALA A 77 -27.48 3.37 2.80
N HIS A 78 -27.08 3.66 4.04
CA HIS A 78 -26.17 4.78 4.30
C HIS A 78 -24.88 4.40 5.01
N VAL A 79 -23.75 4.74 4.40
CA VAL A 79 -22.46 4.45 5.02
C VAL A 79 -21.85 5.74 5.57
N ASP A 80 -21.62 5.77 6.88
CA ASP A 80 -21.05 6.93 7.55
C ASP A 80 -19.53 6.72 7.61
N CYS A 81 -18.80 7.54 6.88
CA CYS A 81 -17.35 7.43 6.79
C CYS A 81 -16.54 8.29 7.77
N PRO A 82 -15.45 7.74 8.31
CA PRO A 82 -14.61 8.51 9.24
C PRO A 82 -13.85 9.53 8.37
N GLY A 83 -13.58 10.72 8.90
CA GLY A 83 -12.90 11.73 8.09
C GLY A 83 -11.38 11.83 8.09
N HIS A 84 -10.69 11.09 8.95
CA HIS A 84 -9.24 11.19 8.99
C HIS A 84 -8.52 10.52 7.84
N ALA A 85 -7.53 11.21 7.28
CA ALA A 85 -6.75 10.68 6.17
C ALA A 85 -6.24 9.25 6.42
N ASP A 86 -5.92 8.92 7.68
CA ASP A 86 -5.44 7.57 8.01
C ASP A 86 -6.42 6.48 7.60
N TYR A 87 -7.68 6.84 7.40
CA TYR A 87 -8.72 5.87 7.07
C TYR A 87 -9.27 5.95 5.63
N VAL A 88 -8.59 6.67 4.74
CA VAL A 88 -9.08 6.78 3.37
C VAL A 88 -9.40 5.42 2.70
N LYS A 89 -8.60 4.40 2.95
CA LYS A 89 -8.87 3.10 2.32
C LYS A 89 -10.32 2.68 2.53
N ASN A 90 -10.68 2.53 3.80
CA ASN A 90 -12.00 2.12 4.20
C ASN A 90 -13.17 2.68 3.39
N MET A 91 -13.18 3.98 3.11
CA MET A 91 -14.28 4.56 2.36
C MET A 91 -14.28 4.27 0.86
N ILE A 92 -13.12 3.96 0.30
CA ILE A 92 -13.01 3.68 -1.15
C ILE A 92 -13.96 2.59 -1.64
N THR A 93 -13.91 1.42 -1.02
CA THR A 93 -14.78 0.32 -1.45
C THR A 93 -16.24 0.72 -1.25
N GLY A 94 -16.47 1.70 -0.37
CA GLY A 94 -17.82 2.16 -0.13
C GLY A 94 -18.26 3.21 -1.13
N ALA A 95 -17.45 4.26 -1.28
CA ALA A 95 -17.75 5.34 -2.22
C ALA A 95 -17.98 4.75 -3.62
N ALA A 96 -17.19 3.72 -3.96
CA ALA A 96 -17.32 3.06 -5.25
C ALA A 96 -18.69 2.42 -5.40
N GLN A 97 -19.38 2.18 -4.29
CA GLN A 97 -20.70 1.58 -4.35
C GLN A 97 -21.83 2.59 -4.12
N MET A 98 -21.48 3.85 -3.93
CA MET A 98 -22.47 4.90 -3.70
C MET A 98 -23.17 5.37 -4.97
N ASP A 99 -24.48 5.59 -4.88
CA ASP A 99 -25.24 6.09 -6.01
C ASP A 99 -25.15 7.62 -5.91
N GLY A 100 -24.82 8.10 -4.72
CA GLY A 100 -24.68 9.52 -4.45
C GLY A 100 -24.06 9.68 -3.07
N ALA A 101 -23.46 10.84 -2.80
CA ALA A 101 -22.82 11.08 -1.52
C ALA A 101 -23.23 12.41 -0.93
N ILE A 102 -23.23 12.49 0.40
CA ILE A 102 -23.57 13.73 1.11
C ILE A 102 -22.29 14.32 1.67
N LEU A 103 -21.88 15.47 1.14
CA LEU A 103 -20.67 16.13 1.61
C LEU A 103 -21.00 17.05 2.78
N VAL A 104 -20.48 16.73 3.96
CA VAL A 104 -20.71 17.56 5.14
C VAL A 104 -19.60 18.59 5.31
N VAL A 105 -19.96 19.86 5.39
CA VAL A 105 -18.98 20.92 5.56
C VAL A 105 -19.42 21.89 6.66
N ALA A 106 -18.61 22.03 7.70
CA ALA A 106 -18.94 22.94 8.81
C ALA A 106 -18.85 24.40 8.37
N ALA A 107 -19.89 25.17 8.66
CA ALA A 107 -19.91 26.59 8.28
C ALA A 107 -18.82 27.37 9.03
N THR A 108 -18.47 26.89 10.21
CA THR A 108 -17.44 27.53 11.02
C THR A 108 -16.08 27.44 10.30
N ASP A 109 -15.58 26.22 10.16
CA ASP A 109 -14.29 25.95 9.50
C ASP A 109 -14.26 26.26 8.02
N GLY A 110 -15.30 25.85 7.32
CA GLY A 110 -15.35 26.03 5.89
C GLY A 110 -14.61 24.83 5.32
N PRO A 111 -14.37 24.77 4.01
CA PRO A 111 -13.64 23.63 3.45
C PRO A 111 -12.27 23.44 4.11
N MET A 112 -11.94 22.19 4.41
CA MET A 112 -10.66 21.83 5.01
C MET A 112 -9.98 20.72 4.19
N PRO A 113 -8.70 20.42 4.49
CA PRO A 113 -7.94 19.39 3.79
C PRO A 113 -8.71 18.11 3.42
N GLN A 114 -9.37 17.51 4.38
CA GLN A 114 -10.11 16.29 4.08
C GLN A 114 -11.40 16.52 3.28
N THR A 115 -11.83 17.78 3.17
CA THR A 115 -13.04 18.07 2.37
C THR A 115 -12.54 17.84 0.94
N ARG A 116 -11.35 18.37 0.68
CA ARG A 116 -10.69 18.25 -0.62
C ARG A 116 -10.43 16.80 -1.01
N GLU A 117 -9.76 16.07 -0.13
CA GLU A 117 -9.42 14.67 -0.40
C GLU A 117 -10.63 13.79 -0.68
N HIS A 118 -11.68 13.93 0.12
CA HIS A 118 -12.88 13.11 -0.10
C HIS A 118 -13.53 13.43 -1.43
N ILE A 119 -13.56 14.70 -1.79
CA ILE A 119 -14.16 15.10 -3.07
C ILE A 119 -13.29 14.48 -4.19
N LEU A 120 -11.98 14.60 -4.03
CA LEU A 120 -11.04 14.05 -5.00
C LEU A 120 -11.25 12.54 -5.17
N LEU A 121 -11.26 11.82 -4.06
CA LEU A 121 -11.48 10.37 -4.11
C LEU A 121 -12.84 10.09 -4.74
N GLY A 122 -13.82 10.95 -4.44
CA GLY A 122 -15.16 10.79 -4.98
C GLY A 122 -15.11 10.85 -6.48
N ARG A 123 -14.43 11.87 -7.01
CA ARG A 123 -14.31 12.01 -8.46
C ARG A 123 -13.56 10.84 -9.08
N GLN A 124 -12.48 10.40 -8.44
CA GLN A 124 -11.69 9.29 -8.98
C GLN A 124 -12.45 8.00 -9.09
N VAL A 125 -13.27 7.68 -8.09
CA VAL A 125 -14.03 6.44 -8.13
C VAL A 125 -15.31 6.58 -8.96
N GLY A 126 -15.65 7.82 -9.31
CA GLY A 126 -16.84 8.07 -10.10
C GLY A 126 -18.18 8.25 -9.38
N VAL A 127 -18.17 8.74 -8.14
CA VAL A 127 -19.44 8.95 -7.44
C VAL A 127 -20.21 9.89 -8.39
N PRO A 128 -21.37 9.46 -8.91
CA PRO A 128 -22.15 10.28 -9.83
C PRO A 128 -22.77 11.59 -9.32
N TYR A 129 -23.15 11.65 -8.05
CA TYR A 129 -23.76 12.87 -7.51
C TYR A 129 -23.30 13.22 -6.11
N ILE A 130 -23.23 14.52 -5.85
CA ILE A 130 -22.83 14.97 -4.53
C ILE A 130 -23.76 16.08 -4.07
N ILE A 131 -24.29 15.92 -2.86
CA ILE A 131 -25.17 16.90 -2.26
C ILE A 131 -24.43 17.42 -1.05
N VAL A 132 -24.52 18.73 -0.81
CA VAL A 132 -23.83 19.32 0.32
C VAL A 132 -24.72 19.71 1.49
N PHE A 133 -24.27 19.37 2.70
CA PHE A 133 -24.99 19.77 3.90
C PHE A 133 -24.07 20.73 4.66
N LEU A 134 -24.35 22.03 4.57
CA LEU A 134 -23.53 23.03 5.27
C LEU A 134 -23.99 22.90 6.73
N ASN A 135 -23.17 22.24 7.52
CA ASN A 135 -23.45 21.94 8.92
C ASN A 135 -23.04 23.02 9.94
N LYS A 136 -23.50 22.85 11.17
CA LYS A 136 -23.20 23.76 12.28
C LYS A 136 -23.62 25.21 12.08
N CYS A 137 -24.67 25.43 11.30
CA CYS A 137 -25.15 26.79 11.06
C CYS A 137 -25.83 27.36 12.30
N ASP A 138 -25.99 26.52 13.33
CA ASP A 138 -26.57 26.96 14.59
C ASP A 138 -25.53 27.83 15.29
N MET A 139 -24.28 27.67 14.88
CA MET A 139 -23.16 28.40 15.44
C MET A 139 -22.81 29.67 14.64
N VAL A 140 -23.48 29.87 13.52
CA VAL A 140 -23.22 31.03 12.65
C VAL A 140 -24.46 31.87 12.39
N ASP A 141 -24.37 33.18 12.66
CA ASP A 141 -25.51 34.07 12.46
C ASP A 141 -25.30 35.02 11.28
N ASP A 142 -24.11 35.05 10.72
CA ASP A 142 -23.83 35.94 9.61
C ASP A 142 -24.22 35.37 8.26
N GLU A 143 -25.26 35.95 7.65
CA GLU A 143 -25.74 35.49 6.35
C GLU A 143 -24.66 35.70 5.31
N GLU A 144 -23.81 36.70 5.53
CA GLU A 144 -22.73 36.98 4.60
C GLU A 144 -21.64 35.92 4.71
N LEU A 145 -21.41 35.45 5.93
CA LEU A 145 -20.40 34.42 6.18
C LEU A 145 -20.83 33.14 5.48
N LEU A 146 -22.10 32.79 5.62
CA LEU A 146 -22.63 31.59 5.00
C LEU A 146 -22.54 31.66 3.49
N GLU A 147 -22.92 32.80 2.89
CA GLU A 147 -22.87 32.94 1.44
C GLU A 147 -21.45 32.72 0.94
N LEU A 148 -20.48 33.29 1.64
CA LEU A 148 -19.08 33.16 1.25
C LEU A 148 -18.64 31.69 1.29
N VAL A 149 -18.94 31.00 2.38
CA VAL A 149 -18.56 29.59 2.53
C VAL A 149 -19.19 28.71 1.46
N GLU A 150 -20.48 28.93 1.16
CA GLU A 150 -21.15 28.15 0.14
C GLU A 150 -20.41 28.36 -1.18
N MET A 151 -20.15 29.64 -1.47
CA MET A 151 -19.46 30.03 -2.68
C MET A 151 -18.16 29.24 -2.86
N GLU A 152 -17.35 29.18 -1.80
CA GLU A 152 -16.10 28.44 -1.95
C GLU A 152 -16.28 26.94 -1.96
N VAL A 153 -17.42 26.45 -1.47
CA VAL A 153 -17.67 25.01 -1.53
C VAL A 153 -18.00 24.67 -2.99
N ARG A 154 -18.75 25.55 -3.64
CA ARG A 154 -19.12 25.35 -5.03
C ARG A 154 -17.87 25.38 -5.93
N GLU A 155 -16.95 26.30 -5.66
CA GLU A 155 -15.74 26.40 -6.45
C GLU A 155 -14.85 25.18 -6.23
N LEU A 156 -14.82 24.68 -5.00
CA LEU A 156 -14.03 23.51 -4.68
C LEU A 156 -14.59 22.32 -5.45
N LEU A 157 -15.91 22.20 -5.48
CA LEU A 157 -16.55 21.12 -6.21
C LEU A 157 -16.26 21.24 -7.70
N SER A 158 -16.35 22.45 -8.24
CA SER A 158 -16.10 22.65 -9.66
C SER A 158 -14.65 22.31 -10.03
N GLN A 159 -13.74 22.62 -9.12
CA GLN A 159 -12.34 22.33 -9.39
C GLN A 159 -12.07 20.82 -9.51
N TYR A 160 -13.00 20.01 -9.01
CA TYR A 160 -12.83 18.57 -9.09
C TYR A 160 -13.79 17.96 -10.09
N ASP A 161 -14.29 18.82 -10.96
CA ASP A 161 -15.17 18.40 -12.03
C ASP A 161 -16.58 17.92 -11.59
N PHE A 162 -17.12 18.57 -10.56
CA PHE A 162 -18.48 18.27 -10.11
C PHE A 162 -19.27 19.53 -10.44
N PRO A 163 -20.60 19.39 -10.63
CA PRO A 163 -21.49 20.51 -10.96
C PRO A 163 -21.61 21.52 -9.81
N GLY A 164 -20.51 22.20 -9.49
CA GLY A 164 -20.54 23.17 -8.40
C GLY A 164 -21.73 24.13 -8.38
N ASP A 165 -22.11 24.67 -9.53
CA ASP A 165 -23.22 25.60 -9.57
C ASP A 165 -24.60 24.97 -9.45
N ASP A 166 -24.73 23.70 -9.84
CA ASP A 166 -26.02 23.04 -9.76
C ASP A 166 -26.16 22.19 -8.50
N THR A 167 -25.13 22.21 -7.67
CA THR A 167 -25.11 21.42 -6.45
C THR A 167 -26.05 21.91 -5.37
N PRO A 168 -26.95 21.04 -4.91
CA PRO A 168 -27.85 21.53 -3.86
C PRO A 168 -27.09 21.67 -2.55
N ILE A 169 -27.27 22.80 -1.88
CA ILE A 169 -26.62 23.03 -0.60
C ILE A 169 -27.67 23.36 0.47
N VAL A 170 -27.70 22.55 1.51
CA VAL A 170 -28.64 22.72 2.59
C VAL A 170 -27.95 23.31 3.79
N ARG A 171 -28.49 24.41 4.33
CA ARG A 171 -27.91 25.04 5.51
C ARG A 171 -28.62 24.46 6.73
N GLY A 172 -27.89 23.69 7.53
CA GLY A 172 -28.55 23.12 8.69
C GLY A 172 -27.68 22.96 9.92
N SER A 173 -28.24 22.25 10.90
CA SER A 173 -27.54 21.95 12.14
C SER A 173 -27.89 20.51 12.47
N ALA A 174 -26.95 19.61 12.26
CA ALA A 174 -27.21 18.20 12.55
C ALA A 174 -27.51 18.00 14.03
N LEU A 175 -26.78 18.70 14.89
CA LEU A 175 -26.98 18.57 16.35
C LEU A 175 -28.34 19.09 16.83
N LYS A 176 -28.70 20.31 16.46
CA LYS A 176 -29.98 20.82 16.93
C LYS A 176 -31.12 19.94 16.43
N ALA A 177 -31.01 19.46 15.20
CA ALA A 177 -32.03 18.60 14.61
C ALA A 177 -32.14 17.27 15.36
N LEU A 178 -31.00 16.69 15.71
CA LEU A 178 -30.96 15.44 16.45
C LEU A 178 -31.59 15.65 17.83
N GLU A 179 -31.43 16.84 18.38
CA GLU A 179 -31.96 17.15 19.72
C GLU A 179 -33.46 17.52 19.73
N GLY A 180 -34.08 17.54 18.56
CA GLY A 180 -35.50 17.83 18.46
C GLY A 180 -35.97 19.22 18.10
N ASP A 181 -35.07 20.15 17.77
CA ASP A 181 -35.49 21.50 17.43
C ASP A 181 -36.21 21.44 16.07
N ALA A 182 -37.53 21.65 16.09
CA ALA A 182 -38.35 21.60 14.89
C ALA A 182 -37.86 22.47 13.74
N GLU A 183 -37.42 23.68 14.01
CA GLU A 183 -36.95 24.55 12.94
C GLU A 183 -35.75 23.96 12.21
N TRP A 184 -34.88 23.25 12.93
CA TRP A 184 -33.71 22.64 12.31
C TRP A 184 -34.05 21.28 11.70
N GLU A 185 -35.01 20.59 12.29
CA GLU A 185 -35.40 19.30 11.77
C GLU A 185 -35.92 19.48 10.34
N ALA A 186 -36.51 20.64 10.08
CA ALA A 186 -37.02 20.93 8.75
C ALA A 186 -35.90 20.87 7.70
N LYS A 187 -34.69 21.26 8.10
CA LYS A 187 -33.55 21.24 7.17
C LYS A 187 -33.14 19.81 6.82
N ILE A 188 -33.27 18.90 7.78
CA ILE A 188 -32.97 17.51 7.54
C ILE A 188 -33.94 17.01 6.46
N LEU A 189 -35.22 17.38 6.57
CA LEU A 189 -36.22 16.95 5.60
C LEU A 189 -35.92 17.54 4.22
N GLU A 190 -35.37 18.75 4.21
CA GLU A 190 -35.02 19.37 2.95
C GLU A 190 -33.93 18.50 2.34
N LEU A 191 -32.94 18.14 3.15
CA LEU A 191 -31.85 17.31 2.65
C LEU A 191 -32.39 16.01 2.08
N ALA A 192 -33.29 15.35 2.82
CA ALA A 192 -33.88 14.09 2.36
C ALA A 192 -34.60 14.32 1.06
N GLY A 193 -35.21 15.50 0.92
CA GLY A 193 -35.93 15.80 -0.30
C GLY A 193 -34.97 15.75 -1.48
N PHE A 194 -33.78 16.32 -1.28
CA PHE A 194 -32.78 16.33 -2.34
C PHE A 194 -32.26 14.93 -2.65
N LEU A 195 -32.16 14.07 -1.64
CA LEU A 195 -31.69 12.71 -1.91
C LEU A 195 -32.68 12.10 -2.89
N ASP A 196 -33.97 12.31 -2.62
CA ASP A 196 -35.05 11.80 -3.47
C ASP A 196 -35.10 12.39 -4.88
N SER A 197 -34.91 13.71 -4.99
CA SER A 197 -35.02 14.39 -6.29
C SER A 197 -33.75 14.55 -7.10
N TYR A 198 -32.65 14.85 -6.41
CA TYR A 198 -31.39 15.07 -7.10
C TYR A 198 -30.69 13.80 -7.58
N ILE A 199 -30.83 12.69 -6.84
CA ILE A 199 -30.21 11.43 -7.25
C ILE A 199 -31.23 10.59 -8.01
N PRO A 200 -31.02 10.41 -9.31
CA PRO A 200 -31.96 9.62 -10.10
C PRO A 200 -32.04 8.16 -9.68
N GLU A 201 -33.21 7.54 -9.89
CA GLU A 201 -33.43 6.15 -9.56
C GLU A 201 -32.42 5.33 -10.36
N PRO A 202 -31.55 4.59 -9.68
CA PRO A 202 -30.52 3.76 -10.31
C PRO A 202 -31.08 2.58 -11.09
N GLU A 203 -30.48 2.27 -12.24
CA GLU A 203 -30.94 1.15 -13.04
C GLU A 203 -30.34 -0.13 -12.50
N ARG A 204 -31.15 -1.17 -12.42
CA ARG A 204 -30.67 -2.43 -11.88
C ARG A 204 -30.67 -3.57 -12.88
N ALA A 205 -29.56 -4.28 -12.92
CA ALA A 205 -29.38 -5.40 -13.82
C ALA A 205 -30.08 -6.66 -13.30
N ILE A 206 -31.40 -6.59 -13.16
CA ILE A 206 -32.16 -7.73 -12.64
C ILE A 206 -32.23 -8.95 -13.56
N ASP A 207 -32.11 -8.73 -14.87
CA ASP A 207 -32.19 -9.85 -15.81
C ASP A 207 -30.88 -10.57 -16.12
N LYS A 208 -29.92 -10.49 -15.21
CA LYS A 208 -28.65 -11.16 -15.41
C LYS A 208 -28.45 -12.22 -14.34
N PRO A 209 -27.48 -13.12 -14.53
CA PRO A 209 -27.24 -14.16 -13.53
C PRO A 209 -26.81 -13.54 -12.19
N PHE A 210 -27.34 -14.08 -11.11
CA PHE A 210 -27.07 -13.57 -9.77
C PHE A 210 -25.59 -13.43 -9.38
N LEU A 211 -25.26 -12.29 -8.78
CA LEU A 211 -23.91 -12.05 -8.30
C LEU A 211 -23.93 -11.03 -7.16
N LEU A 212 -23.21 -11.35 -6.10
CA LEU A 212 -23.12 -10.48 -4.92
C LEU A 212 -21.73 -10.49 -4.29
N PRO A 213 -21.03 -9.35 -4.32
CA PRO A 213 -19.68 -9.33 -3.72
C PRO A 213 -19.81 -9.27 -2.19
N ILE A 214 -19.13 -10.19 -1.51
CA ILE A 214 -19.16 -10.30 -0.06
C ILE A 214 -18.30 -9.29 0.71
N GLU A 215 -18.93 -8.58 1.63
CA GLU A 215 -18.23 -7.61 2.47
C GLU A 215 -18.04 -8.20 3.86
N ASP A 216 -19.16 -8.30 4.60
CA ASP A 216 -19.14 -8.85 5.95
C ASP A 216 -19.64 -10.28 5.99
N VAL A 217 -19.09 -11.06 6.91
CA VAL A 217 -19.46 -12.47 7.08
C VAL A 217 -19.58 -12.81 8.57
N PHE A 218 -20.80 -12.80 9.09
CA PHE A 218 -21.02 -13.12 10.51
C PHE A 218 -21.82 -14.40 10.75
N SER A 219 -21.45 -15.11 11.81
CA SER A 219 -22.12 -16.36 12.15
C SER A 219 -23.29 -16.14 13.11
N ILE A 220 -24.42 -16.79 12.82
CA ILE A 220 -25.61 -16.69 13.67
C ILE A 220 -25.87 -18.03 14.34
N SER A 221 -25.78 -18.08 15.66
CA SER A 221 -25.99 -19.33 16.38
C SER A 221 -27.31 -20.00 16.00
N GLY A 222 -27.22 -21.25 15.54
CA GLY A 222 -28.40 -22.01 15.16
C GLY A 222 -28.96 -21.72 13.77
N ARG A 223 -28.19 -21.06 12.92
CA ARG A 223 -28.63 -20.73 11.57
C ARG A 223 -27.64 -21.05 10.45
N GLY A 224 -26.36 -20.90 10.73
CA GLY A 224 -25.32 -21.13 9.73
C GLY A 224 -24.60 -19.80 9.56
N THR A 225 -23.97 -19.58 8.40
CA THR A 225 -23.27 -18.34 8.18
C THR A 225 -24.06 -17.39 7.28
N VAL A 226 -23.91 -16.09 7.52
CA VAL A 226 -24.58 -15.07 6.72
C VAL A 226 -23.57 -14.07 6.15
N VAL A 227 -23.61 -13.88 4.83
CA VAL A 227 -22.71 -12.95 4.18
C VAL A 227 -23.54 -11.77 3.74
N THR A 228 -22.97 -10.57 3.80
CA THR A 228 -23.70 -9.38 3.40
C THR A 228 -23.00 -8.66 2.26
N GLY A 229 -23.74 -7.73 1.66
CA GLY A 229 -23.22 -6.94 0.55
C GLY A 229 -24.38 -6.45 -0.28
N ARG A 230 -24.08 -5.75 -1.38
CA ARG A 230 -25.13 -5.25 -2.25
C ARG A 230 -25.20 -6.19 -3.45
N VAL A 231 -26.41 -6.58 -3.84
CA VAL A 231 -26.57 -7.48 -4.99
C VAL A 231 -26.23 -6.73 -6.26
N GLU A 232 -25.12 -7.07 -6.88
CA GLU A 232 -24.68 -6.38 -8.08
C GLU A 232 -25.69 -6.55 -9.22
N ARG A 233 -26.16 -7.79 -9.40
CA ARG A 233 -27.11 -8.09 -10.46
C ARG A 233 -27.87 -9.37 -10.19
N GLY A 234 -29.02 -9.52 -10.84
CA GLY A 234 -29.80 -10.74 -10.69
C GLY A 234 -30.68 -10.83 -9.45
N ILE A 235 -31.04 -12.06 -9.11
CA ILE A 235 -31.88 -12.32 -7.96
C ILE A 235 -31.49 -13.64 -7.32
N ILE A 236 -31.41 -13.63 -6.00
CA ILE A 236 -31.09 -14.84 -5.26
C ILE A 236 -32.35 -15.15 -4.45
N LYS A 237 -32.89 -16.35 -4.64
CA LYS A 237 -34.10 -16.74 -3.94
C LYS A 237 -33.81 -17.86 -2.96
N VAL A 238 -34.56 -17.89 -1.87
CA VAL A 238 -34.40 -18.93 -0.86
C VAL A 238 -34.56 -20.29 -1.51
N GLY A 239 -33.63 -21.20 -1.25
CA GLY A 239 -33.70 -22.53 -1.83
C GLY A 239 -32.74 -22.73 -2.99
N GLU A 240 -32.37 -21.64 -3.67
CA GLU A 240 -31.45 -21.72 -4.80
C GLU A 240 -30.02 -21.98 -4.34
N GLU A 241 -29.26 -22.67 -5.16
CA GLU A 241 -27.87 -22.96 -4.81
C GLU A 241 -26.99 -21.86 -5.38
N VAL A 242 -25.80 -21.71 -4.80
CA VAL A 242 -24.87 -20.69 -5.25
C VAL A 242 -23.43 -21.17 -5.14
N GLU A 243 -22.52 -20.41 -5.72
CA GLU A 243 -21.10 -20.74 -5.64
C GLU A 243 -20.42 -19.55 -4.94
N ILE A 244 -19.32 -19.83 -4.26
CA ILE A 244 -18.53 -18.81 -3.59
C ILE A 244 -17.25 -18.83 -4.40
N VAL A 245 -17.06 -17.82 -5.24
CA VAL A 245 -15.89 -17.77 -6.13
C VAL A 245 -14.86 -16.69 -5.81
N GLY A 246 -13.59 -17.07 -5.91
CA GLY A 246 -12.50 -16.15 -5.66
C GLY A 246 -11.66 -16.41 -4.42
N ILE A 247 -10.38 -16.07 -4.52
CA ILE A 247 -9.40 -16.22 -3.42
C ILE A 247 -9.11 -17.67 -3.06
N LYS A 248 -10.10 -18.34 -2.47
CA LYS A 248 -9.95 -19.75 -2.11
C LYS A 248 -10.52 -20.58 -3.25
N GLU A 249 -10.53 -21.90 -3.06
CA GLU A 249 -11.05 -22.80 -4.09
C GLU A 249 -12.57 -22.69 -4.09
N THR A 250 -13.16 -22.61 -5.27
CA THR A 250 -14.60 -22.48 -5.40
C THR A 250 -15.39 -23.50 -4.60
N GLN A 251 -16.35 -23.02 -3.82
CA GLN A 251 -17.19 -23.88 -3.01
C GLN A 251 -18.63 -23.73 -3.48
N LYS A 252 -19.50 -24.62 -3.03
CA LYS A 252 -20.90 -24.57 -3.43
C LYS A 252 -21.75 -24.62 -2.17
N SER A 253 -22.90 -23.96 -2.21
CA SER A 253 -23.81 -23.94 -1.07
C SER A 253 -25.23 -23.63 -1.52
N THR A 254 -26.13 -23.51 -0.56
CA THR A 254 -27.54 -23.23 -0.84
C THR A 254 -28.03 -22.08 0.01
N CYS A 255 -28.80 -21.18 -0.61
CA CYS A 255 -29.35 -20.04 0.11
C CYS A 255 -30.52 -20.48 0.99
N THR A 256 -30.33 -20.36 2.30
CA THR A 256 -31.35 -20.75 3.26
C THR A 256 -32.19 -19.57 3.73
N GLY A 257 -31.78 -18.37 3.34
CA GLY A 257 -32.53 -17.19 3.74
C GLY A 257 -31.91 -15.87 3.31
N VAL A 258 -32.75 -14.83 3.30
CA VAL A 258 -32.32 -13.50 2.92
C VAL A 258 -32.93 -12.51 3.90
N GLU A 259 -32.13 -11.56 4.38
CA GLU A 259 -32.61 -10.56 5.32
C GLU A 259 -32.19 -9.14 4.96
N MET A 260 -32.81 -8.19 5.63
CA MET A 260 -32.54 -6.78 5.42
C MET A 260 -32.75 -6.12 6.79
N PHE A 261 -32.37 -4.86 6.94
CA PHE A 261 -32.56 -4.19 8.23
C PHE A 261 -34.03 -4.20 8.64
N ARG A 262 -34.32 -4.91 9.73
CA ARG A 262 -35.68 -4.99 10.27
C ARG A 262 -36.70 -5.73 9.39
N LYS A 263 -36.29 -6.86 8.79
CA LYS A 263 -37.20 -7.66 7.96
C LYS A 263 -36.57 -8.87 7.26
N LEU A 264 -37.38 -9.91 7.05
CA LEU A 264 -36.94 -11.13 6.39
C LEU A 264 -37.60 -11.19 5.03
N LEU A 265 -36.87 -11.68 4.04
CA LEU A 265 -37.39 -11.76 2.67
C LEU A 265 -37.24 -13.15 2.10
N ASP A 266 -37.73 -13.34 0.87
CA ASP A 266 -37.62 -14.61 0.18
C ASP A 266 -36.66 -14.46 -0.99
N GLU A 267 -36.29 -13.21 -1.28
CA GLU A 267 -35.41 -12.91 -2.39
C GLU A 267 -34.49 -11.72 -2.13
N GLY A 268 -33.39 -11.70 -2.88
CA GLY A 268 -32.44 -10.61 -2.80
C GLY A 268 -32.37 -10.09 -4.22
N ARG A 269 -32.79 -8.85 -4.45
CA ARG A 269 -32.80 -8.27 -5.79
C ARG A 269 -31.68 -7.27 -6.08
N ALA A 270 -31.30 -7.18 -7.35
CA ALA A 270 -30.24 -6.28 -7.80
C ALA A 270 -30.47 -4.87 -7.29
N GLY A 271 -29.44 -4.30 -6.65
CA GLY A 271 -29.54 -2.96 -6.11
C GLY A 271 -29.84 -2.96 -4.62
N GLU A 272 -30.20 -4.12 -4.07
CA GLU A 272 -30.52 -4.23 -2.64
C GLU A 272 -29.36 -4.69 -1.75
N ASN A 273 -29.25 -4.07 -0.57
CA ASN A 273 -28.23 -4.41 0.41
C ASN A 273 -28.85 -5.47 1.31
N VAL A 274 -28.24 -6.65 1.35
CA VAL A 274 -28.81 -7.74 2.12
C VAL A 274 -27.81 -8.60 2.88
N GLY A 275 -28.36 -9.62 3.53
CA GLY A 275 -27.60 -10.59 4.27
C GLY A 275 -28.14 -11.89 3.71
N VAL A 276 -27.25 -12.82 3.36
CA VAL A 276 -27.69 -14.09 2.78
C VAL A 276 -27.20 -15.27 3.62
N LEU A 277 -28.15 -16.05 4.13
CA LEU A 277 -27.83 -17.23 4.94
C LEU A 277 -27.47 -18.41 4.04
N LEU A 278 -26.38 -19.10 4.39
CA LEU A 278 -25.91 -20.24 3.61
C LEU A 278 -25.85 -21.49 4.49
N ARG A 279 -26.22 -22.64 3.91
CA ARG A 279 -26.20 -23.89 4.66
C ARG A 279 -24.93 -24.69 4.43
N GLY A 280 -24.43 -25.30 5.50
CA GLY A 280 -23.24 -26.13 5.42
C GLY A 280 -21.94 -25.42 5.16
N ILE A 281 -21.83 -24.17 5.55
CA ILE A 281 -20.58 -23.43 5.37
C ILE A 281 -20.19 -22.71 6.64
N LYS A 282 -18.99 -23.00 7.10
CA LYS A 282 -18.46 -22.42 8.31
C LYS A 282 -17.89 -21.02 8.11
N ARG A 283 -18.10 -20.18 9.13
CA ARG A 283 -17.64 -18.79 9.14
C ARG A 283 -16.22 -18.61 8.59
N GLU A 284 -15.32 -19.52 8.95
CA GLU A 284 -13.93 -19.40 8.48
C GLU A 284 -13.63 -20.03 7.12
N GLU A 285 -14.64 -20.13 6.26
CA GLU A 285 -14.45 -20.70 4.93
C GLU A 285 -14.79 -19.66 3.86
N ILE A 286 -15.43 -18.57 4.30
CA ILE A 286 -15.82 -17.49 3.40
C ILE A 286 -15.21 -16.18 3.86
N GLU A 287 -14.63 -15.43 2.93
CA GLU A 287 -14.03 -14.15 3.30
C GLU A 287 -14.36 -13.01 2.35
N ARG A 288 -14.14 -11.80 2.86
CA ARG A 288 -14.38 -10.57 2.13
C ARG A 288 -13.64 -10.60 0.80
N GLY A 289 -14.31 -10.21 -0.28
CA GLY A 289 -13.66 -10.21 -1.57
C GLY A 289 -14.18 -11.29 -2.50
N GLN A 290 -14.60 -12.41 -1.93
CA GLN A 290 -15.16 -13.49 -2.72
C GLN A 290 -16.54 -13.01 -3.14
N VAL A 291 -17.14 -13.67 -4.12
CA VAL A 291 -18.46 -13.27 -4.56
C VAL A 291 -19.41 -14.47 -4.48
N LEU A 292 -20.69 -14.19 -4.34
CA LEU A 292 -21.71 -15.21 -4.31
C LEU A 292 -22.27 -15.13 -5.72
N ALA A 293 -22.46 -16.27 -6.38
CA ALA A 293 -22.97 -16.23 -7.75
C ALA A 293 -23.75 -17.47 -8.20
N LYS A 294 -24.52 -17.28 -9.25
CA LYS A 294 -25.28 -18.38 -9.84
C LYS A 294 -24.23 -19.38 -10.32
N PRO A 295 -24.38 -20.66 -9.95
CA PRO A 295 -23.44 -21.71 -10.33
C PRO A 295 -22.98 -21.69 -11.79
N GLY A 296 -21.66 -21.76 -11.98
CA GLY A 296 -21.08 -21.76 -13.32
C GLY A 296 -21.20 -20.51 -14.16
N THR A 297 -21.41 -19.35 -13.54
CA THR A 297 -21.53 -18.13 -14.31
C THR A 297 -20.33 -17.21 -14.21
N ILE A 298 -19.43 -17.50 -13.27
CA ILE A 298 -18.24 -16.68 -13.12
C ILE A 298 -17.08 -17.53 -12.62
N LYS A 299 -15.88 -17.28 -13.15
CA LYS A 299 -14.69 -18.04 -12.77
C LYS A 299 -13.61 -17.21 -12.10
N PRO A 300 -12.73 -17.86 -11.32
CA PRO A 300 -11.63 -17.19 -10.62
C PRO A 300 -10.43 -17.09 -11.55
N HIS A 301 -9.77 -15.93 -11.55
CA HIS A 301 -8.60 -15.74 -12.40
C HIS A 301 -7.48 -15.01 -11.67
N THR A 302 -6.25 -15.32 -12.05
CA THR A 302 -5.07 -14.72 -11.45
C THR A 302 -4.35 -13.78 -12.41
N LYS A 303 -4.45 -14.07 -13.70
CA LYS A 303 -3.78 -13.28 -14.72
C LYS A 303 -4.81 -12.73 -15.71
N PHE A 304 -4.57 -11.52 -16.21
CA PHE A 304 -5.48 -10.90 -17.14
C PHE A 304 -4.86 -9.71 -17.85
N GLU A 305 -5.44 -9.32 -18.97
CA GLU A 305 -4.96 -8.19 -19.75
C GLU A 305 -5.90 -7.03 -19.48
N SER A 306 -5.40 -5.81 -19.57
CA SER A 306 -6.29 -4.69 -19.31
C SER A 306 -5.84 -3.41 -19.96
N GLU A 307 -6.79 -2.50 -20.12
CA GLU A 307 -6.55 -1.18 -20.67
C GLU A 307 -6.64 -0.31 -19.42
N VAL A 308 -5.53 0.28 -19.02
CA VAL A 308 -5.54 1.09 -17.82
C VAL A 308 -5.13 2.53 -18.09
N TYR A 309 -5.76 3.45 -17.39
CA TYR A 309 -5.43 4.86 -17.51
C TYR A 309 -4.69 5.23 -16.23
N ILE A 310 -3.50 5.80 -16.38
CA ILE A 310 -2.70 6.19 -15.23
C ILE A 310 -2.95 7.67 -14.95
N LEU A 311 -3.58 7.95 -13.81
CA LEU A 311 -3.88 9.33 -13.42
C LEU A 311 -2.68 10.25 -13.57
N SER A 312 -2.94 11.49 -13.94
CA SER A 312 -1.86 12.46 -14.06
C SER A 312 -1.71 13.13 -12.70
N LYS A 313 -0.68 13.94 -12.53
CA LYS A 313 -0.48 14.63 -11.26
C LYS A 313 -1.66 15.57 -11.10
N ASP A 314 -2.14 16.04 -12.25
CA ASP A 314 -3.28 16.95 -12.36
C ASP A 314 -4.49 16.39 -11.64
N GLU A 315 -4.60 15.07 -11.66
CA GLU A 315 -5.71 14.34 -11.08
C GLU A 315 -5.43 13.61 -9.78
N GLY A 316 -4.30 13.93 -9.15
CA GLY A 316 -3.95 13.30 -7.89
C GLY A 316 -3.21 11.97 -8.00
N GLY A 317 -2.67 11.69 -9.17
CA GLY A 317 -1.93 10.46 -9.36
C GLY A 317 -0.45 10.64 -9.06
N ARG A 318 0.37 9.66 -9.43
CA ARG A 318 1.83 9.71 -9.22
C ARG A 318 2.41 10.93 -9.92
N HIS A 319 3.61 11.31 -9.51
CA HIS A 319 4.32 12.43 -10.11
C HIS A 319 5.43 11.90 -11.02
N THR A 320 5.73 10.60 -10.88
CA THR A 320 6.79 9.98 -11.65
C THR A 320 6.33 8.70 -12.35
N PRO A 321 7.14 8.20 -13.29
CA PRO A 321 6.83 6.97 -14.03
C PRO A 321 7.16 5.72 -13.21
N PHE A 322 6.48 4.62 -13.49
CA PHE A 322 6.77 3.40 -12.77
C PHE A 322 7.29 2.42 -13.81
N PHE A 323 7.98 1.37 -13.36
CA PHE A 323 8.55 0.42 -14.30
C PHE A 323 8.07 -1.00 -14.13
N LYS A 324 8.63 -1.88 -14.95
CA LYS A 324 8.31 -3.30 -14.90
C LYS A 324 8.41 -3.73 -13.44
N GLY A 325 7.61 -4.71 -13.05
CA GLY A 325 7.67 -5.17 -11.67
C GLY A 325 7.07 -4.23 -10.64
N TYR A 326 6.25 -3.29 -11.10
CA TYR A 326 5.57 -2.37 -10.19
C TYR A 326 4.58 -3.27 -9.46
N ARG A 327 4.51 -3.19 -8.15
CA ARG A 327 3.60 -4.06 -7.40
C ARG A 327 2.57 -3.30 -6.55
N PRO A 328 1.57 -2.68 -7.21
CA PRO A 328 0.54 -1.92 -6.48
C PRO A 328 -0.62 -2.82 -6.03
N GLN A 329 -1.66 -2.21 -5.47
CA GLN A 329 -2.83 -2.95 -5.01
C GLN A 329 -3.98 -2.78 -6.00
N PHE A 330 -4.58 -3.89 -6.39
CA PHE A 330 -5.69 -3.86 -7.34
C PHE A 330 -7.02 -4.03 -6.62
N TYR A 331 -7.91 -3.05 -6.77
CA TYR A 331 -9.21 -3.07 -6.12
C TYR A 331 -10.32 -3.66 -6.98
N PHE A 332 -10.81 -4.82 -6.57
CA PHE A 332 -11.89 -5.51 -7.28
C PHE A 332 -13.10 -5.63 -6.37
N ARG A 333 -14.15 -4.90 -6.69
CA ARG A 333 -15.37 -4.93 -5.90
C ARG A 333 -15.16 -4.63 -4.41
N THR A 334 -15.35 -5.62 -3.53
CA THR A 334 -15.19 -5.36 -2.10
C THR A 334 -13.82 -5.57 -1.49
N THR A 335 -12.82 -5.94 -2.27
CA THR A 335 -11.48 -6.14 -1.71
C THR A 335 -10.38 -5.66 -2.65
N ASP A 336 -9.14 -5.73 -2.20
CA ASP A 336 -8.00 -5.31 -3.02
C ASP A 336 -6.92 -6.38 -2.88
N VAL A 337 -6.11 -6.55 -3.92
CA VAL A 337 -5.08 -7.56 -3.90
C VAL A 337 -3.86 -7.17 -4.70
N THR A 338 -2.70 -7.56 -4.18
CA THR A 338 -1.43 -7.24 -4.82
C THR A 338 -1.27 -7.92 -6.18
N GLY A 339 -0.61 -7.22 -7.10
CA GLY A 339 -0.39 -7.76 -8.41
C GLY A 339 0.88 -7.23 -9.06
N THR A 340 1.45 -8.03 -9.95
CA THR A 340 2.65 -7.65 -10.66
C THR A 340 2.26 -7.27 -12.09
N ILE A 341 2.94 -6.29 -12.64
CA ILE A 341 2.63 -5.82 -13.98
C ILE A 341 3.70 -6.15 -15.03
N GLU A 342 3.24 -6.61 -16.18
CA GLU A 342 4.09 -6.90 -17.31
C GLU A 342 3.73 -5.84 -18.36
N LEU A 343 4.73 -5.15 -18.88
CA LEU A 343 4.48 -4.10 -19.87
C LEU A 343 4.59 -4.57 -21.31
N PRO A 344 4.10 -3.76 -22.26
CA PRO A 344 4.16 -4.12 -23.67
C PRO A 344 5.62 -4.23 -24.10
N GLU A 345 5.88 -5.09 -25.08
CA GLU A 345 7.23 -5.30 -25.59
C GLU A 345 7.87 -3.98 -26.03
N GLY A 346 9.05 -3.69 -25.50
CA GLY A 346 9.74 -2.46 -25.84
C GLY A 346 9.50 -1.34 -24.85
N VAL A 347 8.34 -1.34 -24.20
CA VAL A 347 8.00 -0.30 -23.22
C VAL A 347 8.78 -0.54 -21.92
N GLU A 348 9.52 0.47 -21.50
CA GLU A 348 10.33 0.37 -20.28
C GLU A 348 9.68 1.07 -19.08
N MET A 349 8.92 2.12 -19.34
CA MET A 349 8.26 2.86 -18.26
C MET A 349 6.88 3.39 -18.64
N VAL A 350 6.06 3.67 -17.62
CA VAL A 350 4.71 4.20 -17.83
C VAL A 350 4.66 5.56 -17.17
N MET A 351 4.25 6.58 -17.94
CA MET A 351 4.19 7.95 -17.43
C MET A 351 2.82 8.31 -16.86
N PRO A 352 2.79 9.20 -15.85
CA PRO A 352 1.49 9.58 -15.31
C PRO A 352 0.71 10.31 -16.40
N GLY A 353 -0.49 9.81 -16.68
CA GLY A 353 -1.34 10.40 -17.70
C GLY A 353 -1.43 9.52 -18.94
N ASP A 354 -0.68 8.41 -18.93
CA ASP A 354 -0.65 7.47 -20.05
C ASP A 354 -1.71 6.38 -19.97
N ASN A 355 -2.18 5.95 -21.14
CA ASN A 355 -3.14 4.86 -21.26
C ASN A 355 -2.27 3.71 -21.70
N ILE A 356 -2.42 2.55 -21.08
CA ILE A 356 -1.57 1.43 -21.45
C ILE A 356 -2.21 0.06 -21.27
N LYS A 357 -1.76 -0.90 -22.07
CA LYS A 357 -2.24 -2.28 -21.98
C LYS A 357 -1.20 -3.02 -21.17
N MET A 358 -1.63 -3.66 -20.09
CA MET A 358 -0.70 -4.41 -19.25
C MET A 358 -1.25 -5.75 -18.82
N VAL A 359 -0.38 -6.73 -18.71
CA VAL A 359 -0.80 -8.05 -18.26
C VAL A 359 -0.53 -8.07 -16.76
N VAL A 360 -1.58 -8.34 -16.00
CA VAL A 360 -1.46 -8.35 -14.55
C VAL A 360 -1.50 -9.72 -13.91
N THR A 361 -0.63 -9.94 -12.93
CA THR A 361 -0.62 -11.21 -12.21
C THR A 361 -0.86 -10.95 -10.72
N LEU A 362 -2.02 -11.41 -10.25
CA LEU A 362 -2.43 -11.26 -8.85
C LEU A 362 -1.80 -12.34 -7.97
N ILE A 363 -1.58 -12.03 -6.70
CA ILE A 363 -0.99 -13.01 -5.79
C ILE A 363 -1.97 -14.13 -5.46
N HIS A 364 -3.26 -13.87 -5.71
CA HIS A 364 -4.29 -14.89 -5.51
C HIS A 364 -5.46 -14.61 -6.45
N PRO A 365 -6.28 -15.63 -6.73
CA PRO A 365 -7.41 -15.47 -7.63
C PRO A 365 -8.53 -14.54 -7.15
N ILE A 366 -9.23 -13.96 -8.13
CA ILE A 366 -10.36 -13.06 -7.91
C ILE A 366 -11.40 -13.42 -8.96
N ALA A 367 -12.67 -13.39 -8.57
CA ALA A 367 -13.75 -13.70 -9.50
C ALA A 367 -13.82 -12.55 -10.50
N MET A 368 -13.74 -12.86 -11.80
CA MET A 368 -13.79 -11.81 -12.81
C MET A 368 -14.17 -12.28 -14.20
N ASP A 369 -14.42 -11.31 -15.07
CA ASP A 369 -14.77 -11.57 -16.46
C ASP A 369 -14.44 -10.29 -17.22
N ASP A 370 -14.33 -10.39 -18.54
CA ASP A 370 -14.03 -9.21 -19.35
C ASP A 370 -15.02 -8.09 -18.99
N GLY A 371 -14.52 -6.85 -18.95
CA GLY A 371 -15.38 -5.73 -18.64
C GLY A 371 -15.36 -5.27 -17.18
N LEU A 372 -14.93 -6.14 -16.27
CA LEU A 372 -14.87 -5.76 -14.85
C LEU A 372 -13.97 -4.56 -14.58
N ARG A 373 -14.52 -3.54 -13.96
CA ARG A 373 -13.77 -2.33 -13.63
C ARG A 373 -12.93 -2.54 -12.36
N PHE A 374 -11.81 -1.82 -12.25
CA PHE A 374 -10.96 -1.92 -11.09
C PHE A 374 -10.11 -0.67 -10.95
N ALA A 375 -9.66 -0.40 -9.73
CA ALA A 375 -8.81 0.76 -9.47
C ALA A 375 -7.44 0.26 -9.01
N ILE A 376 -6.42 1.09 -9.21
CA ILE A 376 -5.07 0.73 -8.79
C ILE A 376 -4.63 1.76 -7.76
N ARG A 377 -4.27 1.27 -6.57
CA ARG A 377 -3.82 2.16 -5.51
C ARG A 377 -2.47 1.74 -4.98
N GLU A 378 -1.65 2.72 -4.65
CA GLU A 378 -0.33 2.43 -4.15
C GLU A 378 0.32 3.65 -3.49
N GLY A 379 0.99 3.42 -2.38
CA GLY A 379 1.67 4.49 -1.69
C GLY A 379 0.76 5.55 -1.08
N GLY A 380 -0.49 5.19 -0.80
CA GLY A 380 -1.39 6.16 -0.20
C GLY A 380 -2.27 6.95 -1.17
N ARG A 381 -2.20 6.65 -2.46
CA ARG A 381 -3.03 7.35 -3.43
C ARG A 381 -3.48 6.50 -4.62
N THR A 382 -4.42 7.04 -5.38
CA THR A 382 -4.94 6.34 -6.54
C THR A 382 -4.02 6.56 -7.72
N VAL A 383 -3.53 5.46 -8.28
CA VAL A 383 -2.60 5.55 -9.40
C VAL A 383 -3.23 5.27 -10.75
N GLY A 384 -4.25 4.42 -10.77
CA GLY A 384 -4.89 4.11 -12.04
C GLY A 384 -6.32 3.62 -11.97
N ALA A 385 -7.00 3.68 -13.10
CA ALA A 385 -8.38 3.25 -13.22
C ALA A 385 -8.45 2.45 -14.51
N GLY A 386 -8.82 1.19 -14.43
CA GLY A 386 -8.88 0.40 -15.64
C GLY A 386 -10.05 -0.54 -15.70
N VAL A 387 -9.97 -1.45 -16.66
CA VAL A 387 -11.02 -2.42 -16.86
C VAL A 387 -10.37 -3.67 -17.42
N VAL A 388 -10.87 -4.84 -17.03
CA VAL A 388 -10.32 -6.08 -17.52
C VAL A 388 -10.70 -6.21 -19.00
N ALA A 389 -9.69 -6.44 -19.84
CA ALA A 389 -9.91 -6.58 -21.28
C ALA A 389 -10.02 -8.04 -21.66
N LYS A 390 -9.08 -8.84 -21.20
CA LYS A 390 -9.08 -10.26 -21.50
C LYS A 390 -8.60 -11.08 -20.32
N VAL A 391 -9.41 -12.06 -19.96
CA VAL A 391 -9.11 -12.96 -18.86
C VAL A 391 -8.17 -14.06 -19.37
N LEU A 392 -7.16 -14.40 -18.58
CA LEU A 392 -6.19 -15.42 -18.98
C LEU A 392 -6.12 -16.56 -17.97
N SER A 393 -5.52 -16.27 -16.82
CA SER A 393 -5.33 -17.23 -15.73
C SER A 393 -5.45 -18.69 -16.15
N GLU B 6 37.49 -15.81 -5.09
CA GLU B 6 38.35 -16.33 -3.99
C GLU B 6 39.27 -15.21 -3.52
N ARG B 7 38.83 -14.47 -2.51
CA ARG B 7 39.60 -13.35 -1.99
C ARG B 7 39.60 -13.26 -0.47
N THR B 8 40.16 -12.17 0.04
CA THR B 8 40.23 -11.89 1.48
C THR B 8 39.56 -10.55 1.72
N LYS B 9 39.40 -9.77 0.65
CA LYS B 9 38.79 -8.45 0.72
C LYS B 9 37.34 -8.48 1.19
N PRO B 10 37.09 -8.07 2.43
CA PRO B 10 35.77 -8.03 3.06
C PRO B 10 34.72 -7.34 2.18
N HIS B 11 33.50 -7.88 2.17
CA HIS B 11 32.41 -7.30 1.40
C HIS B 11 31.63 -6.35 2.27
N VAL B 12 31.33 -5.17 1.74
CA VAL B 12 30.54 -4.19 2.47
C VAL B 12 29.48 -3.59 1.55
N ASN B 13 28.22 -3.56 2.01
CA ASN B 13 27.12 -3.03 1.22
C ASN B 13 26.80 -1.60 1.60
N VAL B 14 26.85 -0.70 0.62
CA VAL B 14 26.55 0.70 0.85
C VAL B 14 25.59 1.20 -0.22
N GLY B 15 25.43 2.51 -0.30
CA GLY B 15 24.52 3.07 -1.29
C GLY B 15 24.35 4.56 -1.14
N THR B 16 23.63 5.16 -2.07
CA THR B 16 23.40 6.60 -2.05
C THR B 16 21.95 6.93 -1.78
N ILE B 17 21.73 8.00 -1.03
CA ILE B 17 20.39 8.46 -0.70
C ILE B 17 20.45 9.98 -0.67
N GLY B 18 19.29 10.63 -0.68
CA GLY B 18 19.26 12.07 -0.67
C GLY B 18 18.18 12.60 -1.59
N HIS B 19 17.93 13.90 -1.50
CA HIS B 19 16.90 14.56 -2.30
C HIS B 19 17.08 14.44 -3.81
N VAL B 20 15.96 14.55 -4.52
CA VAL B 20 15.94 14.47 -5.97
C VAL B 20 16.96 15.40 -6.62
N ASP B 21 17.75 14.84 -7.54
CA ASP B 21 18.79 15.58 -8.27
C ASP B 21 19.92 16.22 -7.47
N HIS B 22 20.13 15.78 -6.24
CA HIS B 22 21.22 16.36 -5.47
C HIS B 22 22.57 15.79 -5.93
N GLY B 23 22.53 14.68 -6.69
CA GLY B 23 23.74 14.11 -7.25
C GLY B 23 24.07 12.66 -6.94
N LYS B 24 23.08 11.88 -6.51
CA LYS B 24 23.30 10.48 -6.16
C LYS B 24 23.92 9.62 -7.26
N THR B 25 23.31 9.65 -8.44
CA THR B 25 23.77 8.85 -9.56
C THR B 25 25.14 9.30 -10.10
N THR B 26 25.37 10.62 -10.14
CA THR B 26 26.63 11.17 -10.63
C THR B 26 27.75 10.77 -9.66
N LEU B 27 27.45 10.81 -8.36
CA LEU B 27 28.44 10.43 -7.35
C LEU B 27 28.79 8.97 -7.51
N THR B 28 27.78 8.13 -7.70
CA THR B 28 28.00 6.71 -7.87
C THR B 28 28.98 6.48 -9.01
N ALA B 29 28.75 7.19 -10.12
CA ALA B 29 29.63 7.07 -11.28
C ALA B 29 31.04 7.58 -10.94
N ALA B 30 31.11 8.72 -10.25
CA ALA B 30 32.40 9.29 -9.86
C ALA B 30 33.20 8.36 -8.95
N ILE B 31 32.53 7.61 -8.09
CA ILE B 31 33.22 6.69 -7.20
C ILE B 31 33.87 5.55 -8.00
N THR B 32 33.10 4.87 -8.85
CA THR B 32 33.67 3.77 -9.62
C THR B 32 34.83 4.18 -10.53
N THR B 33 34.70 5.30 -11.25
CA THR B 33 35.76 5.69 -12.15
C THR B 33 37.02 6.26 -11.48
N VAL B 34 36.87 6.95 -10.35
CA VAL B 34 38.05 7.49 -9.68
C VAL B 34 38.79 6.35 -8.97
N LEU B 35 38.04 5.45 -8.36
CA LEU B 35 38.65 4.32 -7.69
C LEU B 35 39.38 3.43 -8.71
N ALA B 36 38.73 3.15 -9.84
CA ALA B 36 39.33 2.32 -10.88
C ALA B 36 40.59 2.99 -11.46
N LYS B 37 40.52 4.30 -11.61
CA LYS B 37 41.64 5.07 -12.16
C LYS B 37 42.80 5.24 -11.17
N THR B 38 42.50 5.31 -9.88
CA THR B 38 43.54 5.48 -8.88
C THR B 38 44.18 4.17 -8.37
N TYR B 39 43.37 3.15 -8.14
CA TYR B 39 43.91 1.91 -7.63
C TYR B 39 43.98 0.77 -8.63
N GLY B 40 43.82 1.11 -9.91
CA GLY B 40 43.89 0.11 -10.96
C GLY B 40 42.91 -1.02 -10.70
N ALA B 57 29.92 -12.66 -16.39
CA ALA B 57 29.73 -12.66 -14.94
C ALA B 57 29.08 -11.34 -14.51
N ARG B 58 27.93 -11.44 -13.86
CA ARG B 58 27.18 -10.27 -13.40
C ARG B 58 26.95 -10.20 -11.87
N GLY B 59 26.28 -11.20 -11.31
CA GLY B 59 26.03 -11.24 -9.86
C GLY B 59 25.63 -9.95 -9.15
N ILE B 60 24.34 -9.63 -9.21
CA ILE B 60 23.66 -8.47 -8.63
C ILE B 60 23.70 -7.21 -9.49
N THR B 61 24.73 -7.04 -10.33
CA THR B 61 24.81 -5.85 -11.18
C THR B 61 23.84 -5.94 -12.37
N ILE B 62 23.11 -7.05 -12.46
CA ILE B 62 22.13 -7.23 -13.51
C ILE B 62 21.11 -6.11 -13.32
N ASN B 63 21.05 -5.59 -12.09
CA ASN B 63 20.18 -4.50 -11.72
C ASN B 63 20.96 -3.20 -11.98
N THR B 64 20.41 -2.33 -12.80
CA THR B 64 21.06 -1.06 -13.16
C THR B 64 21.55 -0.18 -12.01
N SER B 65 20.80 -0.14 -10.92
CA SER B 65 21.17 0.69 -9.78
C SER B 65 22.12 -0.03 -8.80
N HIS B 66 22.71 -1.14 -9.23
CA HIS B 66 23.65 -1.90 -8.41
C HIS B 66 25.03 -1.97 -9.05
N VAL B 67 26.02 -1.35 -8.42
CA VAL B 67 27.38 -1.39 -8.94
C VAL B 67 28.32 -1.97 -7.88
N GLU B 68 29.52 -2.31 -8.30
CA GLU B 68 30.51 -2.85 -7.39
C GLU B 68 31.84 -2.15 -7.66
N TYR B 69 32.60 -1.93 -6.59
CA TYR B 69 33.91 -1.28 -6.72
C TYR B 69 34.80 -1.66 -5.57
N ASP B 70 36.09 -1.37 -5.71
CA ASP B 70 37.08 -1.72 -4.70
C ASP B 70 37.96 -0.58 -4.20
N THR B 71 38.32 -0.65 -2.93
CA THR B 71 39.25 0.29 -2.33
C THR B 71 40.45 -0.65 -2.13
N PRO B 72 41.57 -0.15 -1.62
CA PRO B 72 42.70 -1.06 -1.44
C PRO B 72 42.43 -2.30 -0.56
N THR B 73 41.58 -2.17 0.45
CA THR B 73 41.33 -3.29 1.35
C THR B 73 39.91 -3.81 1.42
N ARG B 74 39.01 -3.25 0.63
CA ARG B 74 37.63 -3.69 0.67
C ARG B 74 36.94 -3.72 -0.68
N HIS B 75 35.86 -4.50 -0.75
CA HIS B 75 35.04 -4.63 -1.93
C HIS B 75 33.65 -4.11 -1.52
N TYR B 76 33.07 -3.26 -2.36
CA TYR B 76 31.76 -2.70 -2.07
C TYR B 76 30.66 -3.06 -3.07
N ALA B 77 29.44 -3.21 -2.56
CA ALA B 77 28.25 -3.48 -3.36
C ALA B 77 27.51 -2.18 -3.06
N HIS B 78 27.17 -1.45 -4.11
CA HIS B 78 26.55 -0.15 -3.97
C HIS B 78 25.21 -0.03 -4.70
N VAL B 79 24.17 0.37 -3.96
CA VAL B 79 22.84 0.56 -4.55
C VAL B 79 22.57 2.06 -4.64
N ASP B 80 22.36 2.55 -5.86
CA ASP B 80 22.06 3.97 -6.11
C ASP B 80 20.54 4.09 -6.11
N CYS B 81 20.00 4.83 -5.13
CA CYS B 81 18.54 5.00 -5.00
C CYS B 81 17.97 6.27 -5.62
N PRO B 82 16.79 6.15 -6.27
CA PRO B 82 16.16 7.33 -6.89
C PRO B 82 15.67 8.17 -5.71
N GLY B 83 15.66 9.49 -5.85
CA GLY B 83 15.26 10.34 -4.74
C GLY B 83 13.82 10.81 -4.60
N HIS B 84 12.97 10.54 -5.59
CA HIS B 84 11.58 11.00 -5.51
C HIS B 84 10.74 10.20 -4.53
N ALA B 85 9.91 10.91 -3.77
CA ALA B 85 9.01 10.29 -2.81
C ALA B 85 8.20 9.14 -3.41
N ASP B 86 7.86 9.24 -4.70
CA ASP B 86 7.07 8.18 -5.34
C ASP B 86 7.77 6.83 -5.32
N TYR B 87 9.08 6.85 -5.13
CA TYR B 87 9.87 5.62 -5.13
C TYR B 87 10.39 5.13 -3.79
N VAL B 88 9.88 5.67 -2.69
CA VAL B 88 10.37 5.24 -1.37
C VAL B 88 10.36 3.73 -1.13
N LYS B 89 9.34 3.02 -1.60
CA LYS B 89 9.29 1.57 -1.39
C LYS B 89 10.60 0.92 -1.81
N ASN B 90 10.93 1.10 -3.08
CA ASN B 90 12.12 0.52 -3.68
C ASN B 90 13.39 0.54 -2.83
N MET B 91 13.69 1.67 -2.19
CA MET B 91 14.89 1.74 -1.37
C MET B 91 14.82 1.06 -0.01
N ILE B 92 13.62 0.84 0.51
CA ILE B 92 13.47 0.19 1.81
C ILE B 92 14.13 -1.18 1.89
N THR B 93 13.78 -2.08 0.98
CA THR B 93 14.38 -3.42 1.00
C THR B 93 15.89 -3.31 0.83
N GLY B 94 16.33 -2.19 0.30
CA GLY B 94 17.76 -1.97 0.08
C GLY B 94 18.44 -1.38 1.30
N ALA B 95 17.91 -0.27 1.80
CA ALA B 95 18.44 0.38 2.98
C ALA B 95 18.50 -0.61 4.13
N ALA B 96 17.51 -1.50 4.19
CA ALA B 96 17.47 -2.51 5.23
C ALA B 96 18.66 -3.45 5.12
N GLN B 97 19.26 -3.52 3.92
CA GLN B 97 20.42 -4.39 3.70
C GLN B 97 21.77 -3.65 3.68
N MET B 98 21.74 -2.34 3.91
CA MET B 98 22.97 -1.57 3.92
C MET B 98 23.76 -1.68 5.23
N ASP B 99 25.09 -1.72 5.11
CA ASP B 99 25.98 -1.74 6.28
C ASP B 99 26.28 -0.27 6.60
N GLY B 100 26.08 0.60 5.61
CA GLY B 100 26.28 2.02 5.76
C GLY B 100 25.69 2.73 4.55
N ALA B 101 25.36 4.01 4.68
CA ALA B 101 24.77 4.77 3.58
C ALA B 101 25.47 6.09 3.35
N ILE B 102 25.48 6.55 2.10
CA ILE B 102 26.10 7.82 1.77
C ILE B 102 24.99 8.81 1.49
N LEU B 103 24.83 9.78 2.39
CA LEU B 103 23.81 10.81 2.22
C LEU B 103 24.34 11.94 1.35
N VAL B 104 23.75 12.12 0.17
CA VAL B 104 24.19 13.20 -0.73
C VAL B 104 23.33 14.47 -0.51
N VAL B 105 23.99 15.61 -0.32
CA VAL B 105 23.27 16.85 -0.10
C VAL B 105 23.92 17.97 -0.89
N ALA B 106 23.16 18.59 -1.79
CA ALA B 106 23.68 19.67 -2.61
C ALA B 106 23.94 20.91 -1.77
N ALA B 107 25.11 21.51 -1.90
CA ALA B 107 25.45 22.71 -1.14
C ALA B 107 24.59 23.89 -1.55
N THR B 108 24.14 23.88 -2.81
CA THR B 108 23.30 24.94 -3.33
C THR B 108 21.95 24.94 -2.58
N ASP B 109 21.16 23.88 -2.78
CA ASP B 109 19.85 23.72 -2.14
C ASP B 109 19.91 23.57 -0.62
N GLY B 110 20.84 22.75 -0.16
CA GLY B 110 20.95 22.48 1.27
C GLY B 110 19.94 21.38 1.53
N PRO B 111 19.70 20.99 2.80
CA PRO B 111 18.72 19.93 3.06
C PRO B 111 17.33 20.24 2.49
N MET B 112 16.72 19.24 1.88
CA MET B 112 15.39 19.37 1.28
C MET B 112 14.47 18.26 1.81
N PRO B 113 13.16 18.33 1.47
CA PRO B 113 12.18 17.33 1.91
C PRO B 113 12.64 15.88 1.87
N GLN B 114 13.13 15.42 0.71
CA GLN B 114 13.58 14.05 0.63
C GLN B 114 14.89 13.76 1.37
N THR B 115 15.61 14.80 1.77
CA THR B 115 16.83 14.57 2.53
C THR B 115 16.30 14.05 3.87
N ARG B 116 15.26 14.72 4.37
CA ARG B 116 14.61 14.38 5.62
C ARG B 116 14.02 12.97 5.60
N GLU B 117 13.15 12.72 4.64
CA GLU B 117 12.52 11.41 4.52
C GLU B 117 13.50 10.23 4.46
N HIS B 118 14.56 10.36 3.68
CA HIS B 118 15.52 9.28 3.55
C HIS B 118 16.25 9.05 4.86
N ILE B 119 16.56 10.13 5.57
CA ILE B 119 17.23 9.98 6.86
C ILE B 119 16.27 9.29 7.82
N LEU B 120 15.00 9.70 7.78
CA LEU B 120 13.97 9.11 8.62
C LEU B 120 13.87 7.63 8.32
N LEU B 121 13.70 7.28 7.05
CA LEU B 121 13.58 5.87 6.67
C LEU B 121 14.84 5.11 7.10
N GLY B 122 15.98 5.78 6.97
CA GLY B 122 17.23 5.16 7.36
C GLY B 122 17.20 4.79 8.82
N ARG B 123 16.75 5.72 9.65
CA ARG B 123 16.64 5.46 11.07
C ARG B 123 15.64 4.34 11.35
N GLN B 124 14.48 4.39 10.70
CA GLN B 124 13.44 3.38 10.93
C GLN B 124 13.91 1.97 10.62
N VAL B 125 14.68 1.79 9.56
CA VAL B 125 15.15 0.45 9.20
C VAL B 125 16.44 0.09 9.92
N GLY B 126 17.03 1.06 10.59
CA GLY B 126 18.25 0.80 11.34
C GLY B 126 19.58 0.86 10.61
N VAL B 127 19.70 1.67 9.56
CA VAL B 127 20.98 1.78 8.86
C VAL B 127 21.95 2.21 9.96
N PRO B 128 22.95 1.37 10.27
CA PRO B 128 23.91 1.68 11.33
C PRO B 128 24.83 2.90 11.18
N TYR B 129 25.21 3.24 9.94
CA TYR B 129 26.07 4.40 9.75
C TYR B 129 25.71 5.24 8.55
N ILE B 130 25.94 6.55 8.68
CA ILE B 130 25.66 7.46 7.58
C ILE B 130 26.82 8.41 7.40
N ILE B 131 27.27 8.53 6.16
CA ILE B 131 28.37 9.42 5.81
C ILE B 131 27.75 10.43 4.87
N VAL B 132 28.17 11.68 4.98
CA VAL B 132 27.61 12.72 4.12
C VAL B 132 28.57 13.22 3.05
N PHE B 133 28.06 13.38 1.85
CA PHE B 133 28.85 13.92 0.77
C PHE B 133 28.18 15.24 0.39
N LEU B 134 28.76 16.36 0.80
CA LEU B 134 28.21 17.67 0.47
C LEU B 134 28.60 17.88 -0.99
N ASN B 135 27.64 17.70 -1.88
CA ASN B 135 27.83 17.79 -3.33
C ASN B 135 27.69 19.17 -3.95
N LYS B 136 28.10 19.27 -5.22
CA LYS B 136 28.01 20.51 -5.99
C LYS B 136 28.76 21.71 -5.41
N CYS B 137 29.84 21.45 -4.68
CA CYS B 137 30.60 22.54 -4.10
C CYS B 137 31.35 23.30 -5.18
N ASP B 138 31.34 22.76 -6.40
CA ASP B 138 32.01 23.42 -7.52
C ASP B 138 31.22 24.66 -7.89
N MET B 139 29.98 24.67 -7.43
CA MET B 139 29.06 25.77 -7.69
C MET B 139 29.03 26.77 -6.55
N VAL B 140 29.73 26.48 -5.46
CA VAL B 140 29.75 27.38 -4.30
C VAL B 140 31.17 27.82 -3.91
N ASP B 141 31.36 29.12 -3.76
CA ASP B 141 32.68 29.64 -3.39
C ASP B 141 32.70 30.23 -1.98
N ASP B 142 31.54 30.35 -1.36
CA ASP B 142 31.48 30.93 -0.02
C ASP B 142 31.72 29.91 1.09
N GLU B 143 32.85 30.03 1.77
CA GLU B 143 33.22 29.11 2.83
C GLU B 143 32.22 29.22 3.96
N GLU B 144 31.62 30.40 4.09
CA GLU B 144 30.63 30.65 5.12
C GLU B 144 29.34 29.92 4.78
N LEU B 145 28.98 29.92 3.50
CA LEU B 145 27.77 29.26 3.07
C LEU B 145 27.90 27.76 3.36
N LEU B 146 29.06 27.20 3.03
CA LEU B 146 29.30 25.78 3.25
C LEU B 146 29.24 25.40 4.72
N GLU B 147 29.87 26.20 5.58
CA GLU B 147 29.85 25.92 7.02
C GLU B 147 28.42 25.87 7.53
N LEU B 148 27.61 26.83 7.09
CA LEU B 148 26.22 26.92 7.52
C LEU B 148 25.44 25.67 7.10
N VAL B 149 25.57 25.26 5.83
CA VAL B 149 24.86 24.09 5.34
C VAL B 149 25.28 22.81 6.07
N GLU B 150 26.58 22.65 6.29
CA GLU B 150 27.06 21.47 7.02
C GLU B 150 26.41 21.45 8.39
N MET B 151 26.40 22.62 9.03
CA MET B 151 25.83 22.76 10.35
C MET B 151 24.39 22.27 10.38
N GLU B 152 23.57 22.68 9.43
CA GLU B 152 22.18 22.22 9.45
C GLU B 152 22.00 20.77 9.03
N VAL B 153 23.03 20.20 8.40
CA VAL B 153 22.94 18.80 7.99
C VAL B 153 23.20 17.98 9.27
N ARG B 154 24.15 18.46 10.08
CA ARG B 154 24.46 17.80 11.33
C ARG B 154 23.28 17.85 12.30
N GLU B 155 22.57 18.97 12.35
CA GLU B 155 21.42 19.10 13.22
C GLU B 155 20.29 18.22 12.71
N LEU B 156 20.12 18.16 11.39
CA LEU B 156 19.07 17.33 10.79
C LEU B 156 19.33 15.87 11.18
N LEU B 157 20.59 15.46 11.07
CA LEU B 157 20.97 14.09 11.41
C LEU B 157 20.72 13.79 12.89
N SER B 158 21.09 14.73 13.75
CA SER B 158 20.89 14.57 15.19
C SER B 158 19.41 14.48 15.53
N GLN B 159 18.59 15.25 14.84
CA GLN B 159 17.15 15.22 15.11
C GLN B 159 16.57 13.83 14.83
N TYR B 160 17.23 13.05 14.00
CA TYR B 160 16.74 11.70 13.68
C TYR B 160 17.55 10.63 14.41
N ASP B 161 18.25 11.07 15.45
CA ASP B 161 19.00 10.17 16.28
C ASP B 161 20.27 9.54 15.66
N PHE B 162 20.94 10.29 14.79
CA PHE B 162 22.19 9.84 14.20
C PHE B 162 23.24 10.77 14.80
N PRO B 163 24.50 10.31 14.87
CA PRO B 163 25.62 11.08 15.43
C PRO B 163 25.97 12.31 14.60
N GLY B 164 25.07 13.28 14.55
CA GLY B 164 25.33 14.48 13.77
C GLY B 164 26.70 15.10 13.95
N ASP B 165 27.20 15.14 15.19
CA ASP B 165 28.50 15.75 15.44
C ASP B 165 29.69 14.90 15.05
N ASP B 166 29.52 13.58 15.04
CA ASP B 166 30.62 12.69 14.69
C ASP B 166 30.56 12.23 13.24
N THR B 167 29.57 12.72 12.51
CA THR B 167 29.38 12.36 11.12
C THR B 167 30.42 12.96 10.18
N PRO B 168 31.10 12.11 9.41
CA PRO B 168 32.09 12.65 8.49
C PRO B 168 31.39 13.31 7.30
N ILE B 169 31.79 14.55 7.01
CA ILE B 169 31.20 15.28 5.89
C ILE B 169 32.29 15.66 4.89
N VAL B 170 32.12 15.25 3.64
CA VAL B 170 33.08 15.54 2.61
C VAL B 170 32.53 16.60 1.67
N ARG B 171 33.32 17.63 1.42
CA ARG B 171 32.92 18.70 0.51
C ARG B 171 33.46 18.38 -0.87
N GLY B 172 32.58 18.07 -1.82
CA GLY B 172 33.09 17.74 -3.12
C GLY B 172 32.21 18.13 -4.28
N SER B 173 32.56 17.59 -5.44
CA SER B 173 31.83 17.82 -6.67
C SER B 173 31.85 16.51 -7.42
N ALA B 174 30.71 15.83 -7.42
CA ALA B 174 30.63 14.55 -8.11
C ALA B 174 30.90 14.74 -9.60
N LEU B 175 30.34 15.80 -10.18
CA LEU B 175 30.49 16.06 -11.60
C LEU B 175 31.92 16.38 -12.05
N LYS B 176 32.58 17.30 -11.36
CA LYS B 176 33.93 17.65 -11.75
C LYS B 176 34.83 16.44 -11.60
N ALA B 177 34.64 15.66 -10.53
CA ALA B 177 35.45 14.47 -10.31
C ALA B 177 35.25 13.46 -11.43
N LEU B 178 34.00 13.27 -11.86
CA LEU B 178 33.66 12.33 -12.93
C LEU B 178 34.32 12.77 -14.22
N GLU B 179 34.44 14.09 -14.38
CA GLU B 179 35.01 14.64 -15.58
C GLU B 179 36.54 14.69 -15.58
N GLY B 180 37.16 14.19 -14.51
CA GLY B 180 38.61 14.14 -14.47
C GLY B 180 39.39 15.23 -13.77
N ASP B 181 38.73 16.15 -13.08
CA ASP B 181 39.46 17.20 -12.39
C ASP B 181 40.14 16.62 -11.15
N ALA B 182 41.46 16.49 -11.22
CA ALA B 182 42.26 15.92 -10.13
C ALA B 182 41.98 16.51 -8.75
N GLU B 183 41.81 17.83 -8.66
CA GLU B 183 41.55 18.41 -7.35
C GLU B 183 40.25 17.94 -6.73
N TRP B 184 39.25 17.66 -7.58
CA TRP B 184 37.97 17.18 -7.07
C TRP B 184 37.97 15.67 -6.89
N GLU B 185 38.77 14.96 -7.69
CA GLU B 185 38.86 13.51 -7.60
C GLU B 185 39.39 13.15 -6.22
N ALA B 186 40.22 14.02 -5.68
CA ALA B 186 40.82 13.78 -4.37
C ALA B 186 39.72 13.65 -3.32
N LYS B 187 38.66 14.44 -3.46
CA LYS B 187 37.54 14.39 -2.53
C LYS B 187 36.80 13.05 -2.58
N ILE B 188 36.73 12.47 -3.76
CA ILE B 188 36.11 11.16 -3.90
C ILE B 188 36.96 10.17 -3.10
N LEU B 189 38.28 10.29 -3.19
CA LEU B 189 39.16 9.38 -2.45
C LEU B 189 39.02 9.58 -0.95
N GLU B 190 38.72 10.80 -0.55
CA GLU B 190 38.52 11.10 0.86
C GLU B 190 37.26 10.35 1.28
N LEU B 191 36.20 10.47 0.47
CA LEU B 191 34.95 9.77 0.76
C LEU B 191 35.18 8.28 0.88
N ALA B 192 35.90 7.70 -0.07
CA ALA B 192 36.18 6.27 -0.05
C ALA B 192 36.96 5.92 1.21
N GLY B 193 37.82 6.84 1.64
CA GLY B 193 38.59 6.61 2.85
C GLY B 193 37.65 6.47 4.05
N PHE B 194 36.58 7.27 4.06
CA PHE B 194 35.61 7.20 5.15
C PHE B 194 34.77 5.93 5.11
N LEU B 195 34.51 5.43 3.91
CA LEU B 195 33.74 4.19 3.80
C LEU B 195 34.56 3.08 4.48
N ASP B 196 35.87 3.10 4.24
CA ASP B 196 36.81 2.13 4.81
C ASP B 196 37.03 2.26 6.33
N SER B 197 37.07 3.49 6.83
CA SER B 197 37.34 3.74 8.25
C SER B 197 36.15 3.91 9.16
N TYR B 198 35.16 4.66 8.69
CA TYR B 198 33.97 4.93 9.49
C TYR B 198 33.01 3.74 9.63
N ILE B 199 32.89 2.93 8.59
CA ILE B 199 32.02 1.76 8.65
C ILE B 199 32.82 0.55 9.10
N PRO B 200 32.54 0.03 10.30
CA PRO B 200 33.28 -1.14 10.79
C PRO B 200 33.04 -2.40 9.95
N GLU B 201 34.04 -3.27 9.91
CA GLU B 201 33.92 -4.53 9.17
C GLU B 201 32.75 -5.31 9.76
N PRO B 202 31.74 -5.61 8.94
CA PRO B 202 30.55 -6.35 9.39
C PRO B 202 30.82 -7.79 9.78
N GLU B 203 30.14 -8.26 10.82
CA GLU B 203 30.32 -9.65 11.25
C GLU B 203 29.43 -10.53 10.38
N ARG B 204 29.96 -11.66 9.97
CA ARG B 204 29.20 -12.57 9.12
C ARG B 204 28.93 -13.92 9.76
N ALA B 205 27.67 -14.33 9.70
CA ALA B 205 27.25 -15.60 10.26
C ALA B 205 27.65 -16.76 9.35
N ILE B 206 28.96 -16.97 9.18
CA ILE B 206 29.43 -18.05 8.31
C ILE B 206 29.21 -19.47 8.85
N ASP B 207 29.14 -19.62 10.17
CA ASP B 207 28.95 -20.95 10.75
C ASP B 207 27.50 -21.40 10.93
N LYS B 208 26.60 -20.91 10.08
CA LYS B 208 25.21 -21.29 10.17
C LYS B 208 24.76 -21.94 8.86
N PRO B 209 23.57 -22.56 8.86
CA PRO B 209 23.11 -23.19 7.62
C PRO B 209 22.83 -22.13 6.56
N PHE B 210 23.25 -22.42 5.33
CA PHE B 210 23.09 -21.50 4.23
C PHE B 210 21.68 -20.95 4.02
N LEU B 211 21.60 -19.65 3.77
CA LEU B 211 20.34 -18.98 3.47
C LEU B 211 20.62 -17.72 2.66
N LEU B 212 19.83 -17.50 1.62
CA LEU B 212 19.95 -16.33 0.75
C LEU B 212 18.58 -15.89 0.25
N PRO B 213 18.18 -14.65 0.61
CA PRO B 213 16.88 -14.17 0.14
C PRO B 213 17.01 -13.69 -1.31
N ILE B 214 16.14 -14.20 -2.17
CA ILE B 214 16.16 -13.88 -3.59
C ILE B 214 15.56 -12.53 -3.98
N GLU B 215 16.33 -11.75 -4.73
CA GLU B 215 15.87 -10.45 -5.22
C GLU B 215 15.57 -10.58 -6.71
N ASP B 216 16.63 -10.66 -7.51
CA ASP B 216 16.50 -10.77 -8.96
C ASP B 216 16.63 -12.21 -9.44
N VAL B 217 15.90 -12.53 -10.49
CA VAL B 217 15.92 -13.86 -11.07
C VAL B 217 15.95 -13.84 -12.59
N PHE B 218 17.12 -13.97 -13.18
CA PHE B 218 17.21 -13.99 -14.64
C PHE B 218 17.42 -15.42 -15.15
N SER B 219 17.44 -15.61 -16.46
CA SER B 219 17.60 -16.95 -17.02
C SER B 219 18.81 -17.12 -17.93
N ILE B 220 19.36 -18.32 -17.96
CA ILE B 220 20.55 -18.64 -18.78
C ILE B 220 20.27 -19.85 -19.68
N SER B 221 20.15 -19.59 -20.97
CA SER B 221 19.88 -20.64 -21.96
C SER B 221 20.84 -21.81 -21.93
N GLY B 222 20.30 -23.03 -21.90
CA GLY B 222 21.14 -24.22 -21.87
C GLY B 222 21.68 -24.57 -20.50
N ARG B 223 22.00 -23.55 -19.71
CA ARG B 223 22.53 -23.76 -18.37
C ARG B 223 21.40 -23.73 -17.35
N GLY B 224 20.64 -22.63 -17.32
CA GLY B 224 19.53 -22.56 -16.39
C GLY B 224 19.20 -21.20 -15.84
N THR B 225 18.67 -21.18 -14.62
CA THR B 225 18.28 -19.92 -13.98
C THR B 225 19.23 -19.47 -12.89
N VAL B 226 19.43 -18.16 -12.80
CA VAL B 226 20.31 -17.58 -11.79
C VAL B 226 19.54 -16.60 -10.90
N VAL B 227 19.59 -16.82 -9.59
CA VAL B 227 18.93 -15.93 -8.65
C VAL B 227 20.03 -15.13 -7.95
N THR B 228 19.76 -13.86 -7.66
CA THR B 228 20.76 -13.04 -6.99
C THR B 228 20.25 -12.59 -5.62
N GLY B 229 21.18 -12.08 -4.81
CA GLY B 229 20.86 -11.60 -3.49
C GLY B 229 22.12 -11.60 -2.65
N ARG B 230 21.99 -11.20 -1.40
CA ARG B 230 23.13 -11.20 -0.50
C ARG B 230 22.97 -12.46 0.36
N VAL B 231 24.06 -13.18 0.59
CA VAL B 231 23.99 -14.38 1.41
C VAL B 231 23.85 -13.94 2.86
N GLU B 232 22.68 -14.18 3.43
CA GLU B 232 22.44 -13.78 4.81
C GLU B 232 23.37 -14.51 5.78
N ARG B 233 23.55 -15.80 5.55
CA ARG B 233 24.41 -16.61 6.40
C ARG B 233 24.85 -17.90 5.73
N GLY B 234 25.91 -18.50 6.26
CA GLY B 234 26.41 -19.75 5.72
C GLY B 234 27.24 -19.68 4.45
N ILE B 235 27.30 -20.80 3.75
CA ILE B 235 28.06 -20.89 2.52
C ILE B 235 27.37 -21.84 1.55
N ILE B 236 27.30 -21.43 0.29
CA ILE B 236 26.70 -22.26 -0.74
C ILE B 236 27.84 -22.60 -1.69
N LYS B 237 28.12 -23.90 -1.84
CA LYS B 237 29.20 -24.35 -2.72
C LYS B 237 28.66 -25.05 -3.94
N VAL B 238 29.35 -24.90 -5.06
CA VAL B 238 28.96 -25.53 -6.32
C VAL B 238 28.82 -27.04 -6.09
N GLY B 239 27.69 -27.61 -6.53
CA GLY B 239 27.47 -29.03 -6.35
C GLY B 239 26.50 -29.34 -5.22
N GLU B 240 26.37 -28.44 -4.26
CA GLU B 240 25.46 -28.63 -3.13
C GLU B 240 24.01 -28.42 -3.54
N GLU B 241 23.10 -29.13 -2.89
CA GLU B 241 21.69 -28.98 -3.22
C GLU B 241 21.07 -27.94 -2.29
N VAL B 242 19.97 -27.35 -2.73
CA VAL B 242 19.29 -26.33 -1.95
C VAL B 242 17.78 -26.45 -2.10
N GLU B 243 17.06 -25.70 -1.26
CA GLU B 243 15.61 -25.66 -1.32
C GLU B 243 15.20 -24.22 -1.58
N ILE B 244 14.10 -24.03 -2.30
CA ILE B 244 13.56 -22.72 -2.59
C ILE B 244 12.32 -22.69 -1.72
N VAL B 245 12.37 -21.96 -0.61
CA VAL B 245 11.25 -21.91 0.33
C VAL B 245 10.49 -20.59 0.39
N GLY B 246 9.15 -20.69 0.45
CA GLY B 246 8.32 -19.50 0.53
C GLY B 246 7.43 -19.19 -0.66
N ILE B 247 6.27 -18.61 -0.38
CA ILE B 247 5.29 -18.21 -1.39
C ILE B 247 4.67 -19.39 -2.13
N LYS B 248 5.48 -20.06 -2.96
CA LYS B 248 5.00 -21.22 -3.70
C LYS B 248 5.34 -22.47 -2.89
N GLU B 249 5.05 -23.64 -3.44
CA GLU B 249 5.35 -24.89 -2.77
C GLU B 249 6.86 -25.12 -2.82
N THR B 250 7.44 -25.55 -1.71
CA THR B 250 8.88 -25.80 -1.63
C THR B 250 9.42 -26.70 -2.75
N GLN B 251 10.45 -26.21 -3.43
CA GLN B 251 11.08 -26.97 -4.51
C GLN B 251 12.51 -27.30 -4.10
N LYS B 252 13.15 -28.18 -4.85
CA LYS B 252 14.51 -28.55 -4.55
C LYS B 252 15.33 -28.42 -5.82
N SER B 253 16.62 -28.09 -5.67
CA SER B 253 17.50 -27.93 -6.82
C SER B 253 18.94 -28.11 -6.41
N THR B 254 19.86 -27.92 -7.35
CA THR B 254 21.29 -28.06 -7.09
C THR B 254 22.03 -26.84 -7.61
N CYS B 255 22.98 -26.36 -6.81
CA CYS B 255 23.77 -25.19 -7.23
C CYS B 255 24.81 -25.62 -8.25
N THR B 256 24.69 -25.08 -9.46
CA THR B 256 25.60 -25.40 -10.56
C THR B 256 26.69 -24.33 -10.73
N GLY B 257 26.60 -23.24 -9.98
CA GLY B 257 27.59 -22.19 -10.10
C GLY B 257 27.30 -20.96 -9.28
N VAL B 258 28.33 -20.16 -9.03
CA VAL B 258 28.20 -18.94 -8.26
C VAL B 258 29.02 -17.85 -8.95
N GLU B 259 28.45 -16.66 -9.08
CA GLU B 259 29.14 -15.54 -9.72
C GLU B 259 29.05 -14.23 -8.96
N MET B 260 29.87 -13.28 -9.37
CA MET B 260 29.94 -11.96 -8.78
C MET B 260 30.25 -11.04 -9.96
N PHE B 261 30.18 -9.73 -9.79
CA PHE B 261 30.45 -8.83 -10.91
C PHE B 261 31.79 -9.15 -11.59
N ARG B 262 31.68 -9.60 -12.84
CA ARG B 262 32.83 -9.95 -13.67
C ARG B 262 33.77 -11.00 -13.06
N LYS B 263 33.21 -12.06 -12.49
CA LYS B 263 34.00 -13.14 -11.94
C LYS B 263 33.20 -14.36 -11.54
N LEU B 264 33.87 -15.51 -11.55
CA LEU B 264 33.25 -16.78 -11.21
C LEU B 264 33.88 -17.35 -9.96
N LEU B 265 33.06 -17.96 -9.11
CA LEU B 265 33.53 -18.52 -7.86
C LEU B 265 33.05 -19.95 -7.69
N ASP B 266 33.51 -20.59 -6.62
CA ASP B 266 33.12 -21.95 -6.33
C ASP B 266 32.21 -21.95 -5.09
N GLU B 267 32.14 -20.79 -4.43
CA GLU B 267 31.34 -20.63 -3.22
C GLU B 267 30.73 -19.25 -3.09
N GLY B 268 29.66 -19.18 -2.28
CA GLY B 268 28.98 -17.93 -1.98
C GLY B 268 29.04 -17.83 -0.46
N ARG B 269 29.76 -16.84 0.07
CA ARG B 269 29.90 -16.69 1.53
C ARG B 269 29.05 -15.60 2.15
N ALA B 270 28.70 -15.81 3.42
CA ALA B 270 27.87 -14.86 4.17
C ALA B 270 28.43 -13.44 4.03
N GLY B 271 27.55 -12.51 3.67
CA GLY B 271 27.95 -11.13 3.51
C GLY B 271 28.24 -10.75 2.06
N GLU B 272 28.29 -11.75 1.18
CA GLU B 272 28.59 -11.51 -0.24
C GLU B 272 27.37 -11.43 -1.14
N ASN B 273 27.41 -10.48 -2.07
CA ASN B 273 26.33 -10.31 -3.02
C ASN B 273 26.68 -11.14 -4.23
N VAL B 274 25.83 -12.11 -4.55
CA VAL B 274 26.13 -13.02 -5.64
C VAL B 274 24.96 -13.40 -6.53
N GLY B 275 25.27 -14.29 -7.46
CA GLY B 275 24.29 -14.82 -8.39
C GLY B 275 24.50 -16.31 -8.24
N VAL B 276 23.42 -17.08 -8.12
CA VAL B 276 23.53 -18.52 -7.95
C VAL B 276 22.81 -19.29 -9.04
N LEU B 277 23.55 -20.05 -9.83
CA LEU B 277 22.97 -20.85 -10.91
C LEU B 277 22.35 -22.13 -10.37
N LEU B 278 21.13 -22.42 -10.82
CA LEU B 278 20.40 -23.61 -10.37
C LEU B 278 20.06 -24.50 -11.57
N ARG B 279 20.15 -25.81 -11.38
CA ARG B 279 19.84 -26.74 -12.47
C ARG B 279 18.43 -27.28 -12.39
N GLY B 280 17.79 -27.40 -13.56
CA GLY B 280 16.45 -27.94 -13.62
C GLY B 280 15.33 -27.08 -13.08
N ILE B 281 15.50 -25.76 -13.10
CA ILE B 281 14.47 -24.86 -12.62
C ILE B 281 14.25 -23.71 -13.58
N LYS B 282 13.02 -23.59 -14.06
CA LYS B 282 12.65 -22.57 -15.01
C LYS B 282 12.42 -21.19 -14.39
N ARG B 283 12.81 -20.16 -15.13
CA ARG B 283 12.70 -18.76 -14.72
C ARG B 283 11.36 -18.42 -14.05
N GLU B 284 10.28 -18.98 -14.58
CA GLU B 284 8.95 -18.71 -14.02
C GLU B 284 8.51 -19.63 -12.88
N GLU B 285 9.46 -20.18 -12.14
CA GLU B 285 9.12 -21.04 -11.01
C GLU B 285 9.70 -20.47 -9.72
N ILE B 286 10.58 -19.49 -9.87
CA ILE B 286 11.24 -18.82 -8.74
C ILE B 286 10.94 -17.32 -8.77
N GLU B 287 10.55 -16.78 -7.62
CA GLU B 287 10.28 -15.35 -7.56
C GLU B 287 10.84 -14.64 -6.34
N ARG B 288 10.93 -13.32 -6.46
CA ARG B 288 11.44 -12.43 -5.42
C ARG B 288 10.71 -12.69 -4.11
N GLY B 289 11.45 -12.79 -3.02
CA GLY B 289 10.80 -13.03 -1.75
C GLY B 289 11.06 -14.41 -1.21
N GLN B 290 11.21 -15.39 -2.09
CA GLN B 290 11.50 -16.75 -1.65
C GLN B 290 12.95 -16.72 -1.21
N VAL B 291 13.38 -17.76 -0.51
CA VAL B 291 14.77 -17.84 -0.06
C VAL B 291 15.42 -19.14 -0.53
N LEU B 292 16.74 -19.10 -0.69
CA LEU B 292 17.51 -20.27 -1.09
C LEU B 292 18.07 -20.73 0.26
N ALA B 293 18.01 -22.02 0.54
CA ALA B 293 18.50 -22.50 1.82
C ALA B 293 18.93 -23.96 1.84
N LYS B 294 19.74 -24.28 2.85
CA LYS B 294 20.23 -25.62 3.06
C LYS B 294 18.99 -26.47 3.30
N PRO B 295 18.84 -27.58 2.55
CA PRO B 295 17.67 -28.47 2.69
C PRO B 295 17.23 -28.78 4.13
N GLY B 296 15.94 -28.61 4.38
CA GLY B 296 15.38 -28.88 5.69
C GLY B 296 15.75 -27.96 6.84
N THR B 297 16.26 -26.76 6.57
CA THR B 297 16.64 -25.87 7.66
C THR B 297 15.69 -24.70 7.90
N ILE B 298 14.73 -24.50 7.00
CA ILE B 298 13.76 -23.43 7.18
C ILE B 298 12.45 -23.83 6.53
N LYS B 299 11.34 -23.46 7.18
CA LYS B 299 10.01 -23.80 6.69
C LYS B 299 9.13 -22.59 6.35
N PRO B 300 8.13 -22.79 5.47
CA PRO B 300 7.22 -21.72 5.06
C PRO B 300 6.09 -21.63 6.07
N HIS B 301 5.69 -20.41 6.40
CA HIS B 301 4.61 -20.20 7.37
C HIS B 301 3.69 -19.06 6.93
N THR B 302 2.43 -19.20 7.29
CA THR B 302 1.41 -18.20 6.96
C THR B 302 0.94 -17.46 8.20
N LYS B 303 0.97 -18.15 9.33
CA LYS B 303 0.50 -17.57 10.59
C LYS B 303 1.60 -17.56 11.64
N PHE B 304 1.65 -16.49 12.43
CA PHE B 304 2.67 -16.38 13.46
C PHE B 304 2.31 -15.34 14.52
N GLU B 305 2.96 -15.43 15.68
CA GLU B 305 2.76 -14.48 16.77
C GLU B 305 3.96 -13.55 16.78
N SER B 306 3.76 -12.32 17.20
CA SER B 306 4.89 -11.40 17.23
C SER B 306 4.73 -10.29 18.25
N GLU B 307 5.85 -9.70 18.61
CA GLU B 307 5.91 -8.58 19.53
C GLU B 307 6.22 -7.43 18.59
N VAL B 308 5.26 -6.53 18.42
CA VAL B 308 5.47 -5.41 17.52
C VAL B 308 5.41 -4.05 18.19
N TYR B 309 6.27 -3.14 17.75
CA TYR B 309 6.27 -1.80 18.29
C TYR B 309 5.65 -0.92 17.22
N ILE B 310 4.59 -0.19 17.58
CA ILE B 310 3.91 0.69 16.65
C ILE B 310 4.50 2.09 16.75
N LEU B 311 5.15 2.55 15.70
CA LEU B 311 5.77 3.87 15.70
C LEU B 311 4.82 4.96 16.18
N SER B 312 5.34 5.92 16.93
CA SER B 312 4.54 7.04 17.40
C SER B 312 4.61 8.10 16.30
N LYS B 313 3.77 9.13 16.40
CA LYS B 313 3.76 10.19 15.41
C LYS B 313 5.14 10.85 15.45
N ASP B 314 5.70 10.87 16.66
CA ASP B 314 7.03 11.42 16.94
C ASP B 314 8.08 10.83 16.01
N GLU B 315 7.87 9.57 15.65
CA GLU B 315 8.78 8.80 14.81
C GLU B 315 8.34 8.56 13.36
N GLY B 316 7.34 9.30 12.91
CA GLY B 316 6.88 9.15 11.55
C GLY B 316 5.82 8.06 11.32
N GLY B 317 5.21 7.58 12.39
CA GLY B 317 4.19 6.54 12.25
C GLY B 317 2.81 7.13 12.13
N ARG B 318 1.78 6.28 12.26
CA ARG B 318 0.38 6.72 12.18
C ARG B 318 0.07 7.78 13.22
N HIS B 319 -1.03 8.51 13.00
CA HIS B 319 -1.49 9.56 13.91
C HIS B 319 -2.69 9.08 14.70
N THR B 320 -3.28 7.97 14.26
CA THR B 320 -4.46 7.40 14.88
C THR B 320 -4.33 5.90 15.15
N PRO B 321 -5.22 5.35 15.99
CA PRO B 321 -5.20 3.93 16.33
C PRO B 321 -5.77 3.09 15.19
N PHE B 322 -5.41 1.81 15.16
CA PHE B 322 -5.94 0.93 14.12
C PHE B 322 -6.69 -0.17 14.85
N PHE B 323 -7.61 -0.84 14.16
CA PHE B 323 -8.39 -1.86 14.82
C PHE B 323 -8.24 -3.25 14.25
N LYS B 324 -8.98 -4.19 14.83
CA LYS B 324 -8.97 -5.57 14.37
C LYS B 324 -9.18 -5.52 12.86
N GLY B 325 -8.64 -6.51 12.14
CA GLY B 325 -8.79 -6.52 10.70
C GLY B 325 -7.98 -5.48 9.95
N TYR B 326 -6.96 -4.92 10.59
CA TYR B 326 -6.09 -3.94 9.93
C TYR B 326 -5.35 -4.82 8.93
N ARG B 327 -5.20 -4.34 7.70
CA ARG B 327 -4.53 -5.13 6.67
C ARG B 327 -3.36 -4.41 6.01
N PRO B 328 -2.25 -4.24 6.74
CA PRO B 328 -1.07 -3.56 6.19
C PRO B 328 -0.15 -4.53 5.43
N GLN B 329 0.99 -4.01 4.99
CA GLN B 329 1.96 -4.85 4.28
C GLN B 329 3.10 -5.21 5.23
N PHE B 330 3.45 -6.49 5.23
CA PHE B 330 4.52 -7.00 6.09
C PHE B 330 5.80 -7.26 5.28
N TYR B 331 6.88 -6.57 5.63
CA TYR B 331 8.16 -6.73 4.91
C TYR B 331 9.07 -7.80 5.50
N PHE B 332 9.27 -8.88 4.74
CA PHE B 332 10.15 -9.97 5.16
C PHE B 332 11.28 -10.11 4.16
N ARG B 333 12.49 -9.73 4.58
CA ARG B 333 13.66 -9.79 3.73
C ARG B 333 13.48 -9.04 2.42
N THR B 334 13.49 -9.74 1.29
CA THR B 334 13.40 -9.06 0.01
C THR B 334 12.04 -8.78 -0.57
N THR B 335 10.97 -9.10 0.16
CA THR B 335 9.63 -8.82 -0.35
C THR B 335 8.69 -8.40 0.78
N ASP B 336 7.47 -8.04 0.42
CA ASP B 336 6.47 -7.63 1.40
C ASP B 336 5.18 -8.33 1.02
N VAL B 337 4.35 -8.63 2.02
CA VAL B 337 3.10 -9.34 1.78
C VAL B 337 1.99 -8.93 2.74
N THR B 338 0.77 -8.86 2.21
CA THR B 338 -0.39 -8.46 2.98
C THR B 338 -0.72 -9.44 4.10
N GLY B 339 -1.18 -8.91 5.22
CA GLY B 339 -1.53 -9.75 6.34
C GLY B 339 -2.65 -9.19 7.19
N THR B 340 -3.37 -10.08 7.86
CA THR B 340 -4.46 -9.68 8.73
C THR B 340 -4.02 -9.85 10.18
N ILE B 341 -4.42 -8.91 11.02
CA ILE B 341 -4.03 -8.93 12.42
C ILE B 341 -5.15 -9.30 13.39
N GLU B 342 -4.80 -10.16 14.35
CA GLU B 342 -5.72 -10.57 15.40
C GLU B 342 -5.13 -9.97 16.68
N LEU B 343 -5.95 -9.25 17.43
CA LEU B 343 -5.48 -8.61 18.65
C LEU B 343 -5.69 -9.45 19.91
N PRO B 344 -5.01 -9.07 21.01
CA PRO B 344 -5.15 -9.82 22.26
C PRO B 344 -6.60 -9.73 22.72
N GLU B 345 -7.04 -10.76 23.44
CA GLU B 345 -8.41 -10.81 23.95
C GLU B 345 -8.72 -9.56 24.78
N GLY B 346 -9.80 -8.88 24.43
CA GLY B 346 -10.19 -7.67 25.16
C GLY B 346 -9.68 -6.38 24.55
N VAL B 347 -8.57 -6.45 23.81
CA VAL B 347 -7.99 -5.28 23.17
C VAL B 347 -8.82 -4.93 21.94
N GLU B 348 -9.25 -3.68 21.84
CA GLU B 348 -10.07 -3.27 20.70
C GLU B 348 -9.30 -2.40 19.70
N MET B 349 -8.29 -1.70 20.19
CA MET B 349 -7.49 -0.84 19.32
C MET B 349 -6.04 -0.76 19.74
N VAL B 350 -5.19 -0.39 18.79
CA VAL B 350 -3.76 -0.24 19.03
C VAL B 350 -3.40 1.22 18.78
N MET B 351 -2.79 1.85 19.77
CA MET B 351 -2.41 3.25 19.65
C MET B 351 -0.99 3.42 19.16
N PRO B 352 -0.73 4.53 18.46
CA PRO B 352 0.64 4.75 17.97
C PRO B 352 1.54 4.93 19.19
N GLY B 353 2.62 4.15 19.23
CA GLY B 353 3.56 4.23 20.34
C GLY B 353 3.44 3.03 21.25
N ASP B 354 2.47 2.16 20.96
CA ASP B 354 2.22 0.96 21.76
C ASP B 354 2.98 -0.26 21.30
N ASN B 355 3.34 -1.11 22.26
CA ASN B 355 4.02 -2.37 22.00
C ASN B 355 2.89 -3.36 22.14
N ILE B 356 2.78 -4.30 21.21
CA ILE B 356 1.69 -5.25 21.31
C ILE B 356 1.98 -6.62 20.70
N LYS B 357 1.34 -7.65 21.25
CA LYS B 357 1.51 -9.02 20.75
C LYS B 357 0.32 -9.24 19.83
N MET B 358 0.58 -9.65 18.59
CA MET B 358 -0.50 -9.89 17.66
C MET B 358 -0.28 -11.12 16.81
N VAL B 359 -1.36 -11.80 16.47
CA VAL B 359 -1.26 -12.99 15.64
C VAL B 359 -1.51 -12.54 14.21
N VAL B 360 -0.55 -12.78 13.34
CA VAL B 360 -0.66 -12.34 11.96
C VAL B 360 -0.93 -13.47 10.98
N THR B 361 -1.78 -13.18 10.00
CA THR B 361 -2.10 -14.16 8.98
C THR B 361 -1.82 -13.54 7.61
N LEU B 362 -0.78 -14.06 6.96
CA LEU B 362 -0.35 -13.60 5.64
C LEU B 362 -1.21 -14.21 4.54
N ILE B 363 -1.35 -13.52 3.41
CA ILE B 363 -2.15 -14.03 2.31
C ILE B 363 -1.46 -15.20 1.63
N HIS B 364 -0.15 -15.30 1.82
CA HIS B 364 0.61 -16.42 1.27
C HIS B 364 1.81 -16.70 2.18
N PRO B 365 2.37 -17.93 2.12
CA PRO B 365 3.51 -18.31 2.95
C PRO B 365 4.81 -17.58 2.67
N ILE B 366 5.62 -17.44 3.72
CA ILE B 366 6.92 -16.79 3.69
C ILE B 366 7.86 -17.68 4.52
N ALA B 367 9.11 -17.80 4.10
CA ALA B 367 10.06 -18.62 4.83
C ALA B 367 10.40 -17.87 6.12
N MET B 368 10.27 -18.52 7.26
CA MET B 368 10.56 -17.84 8.52
C MET B 368 10.79 -18.77 9.70
N ASP B 369 11.31 -18.17 10.77
CA ASP B 369 11.60 -18.87 12.00
C ASP B 369 11.54 -17.85 13.13
N ASP B 370 11.44 -18.31 14.37
CA ASP B 370 11.39 -17.38 15.51
C ASP B 370 12.57 -16.45 15.45
N GLY B 371 12.35 -15.17 15.78
CA GLY B 371 13.42 -14.21 15.75
C GLY B 371 13.52 -13.34 14.50
N LEU B 372 12.91 -13.78 13.40
CA LEU B 372 12.97 -13.02 12.16
C LEU B 372 12.36 -11.62 12.29
N ARG B 373 13.14 -10.61 11.94
CA ARG B 373 12.70 -9.22 12.01
C ARG B 373 11.83 -8.88 10.79
N PHE B 374 10.93 -7.93 10.96
CA PHE B 374 10.07 -7.50 9.86
C PHE B 374 9.54 -6.12 10.15
N ALA B 375 9.14 -5.42 9.09
CA ALA B 375 8.61 -4.07 9.24
C ALA B 375 7.16 -4.08 8.74
N ILE B 376 6.36 -3.14 9.23
CA ILE B 376 4.96 -3.03 8.82
C ILE B 376 4.78 -1.67 8.14
N ARG B 377 4.32 -1.71 6.89
CA ARG B 377 4.11 -0.47 6.15
C ARG B 377 2.72 -0.41 5.60
N GLU B 378 2.17 0.79 5.58
CA GLU B 378 0.82 0.95 5.09
C GLU B 378 0.52 2.42 4.84
N GLY B 379 -0.27 2.68 3.80
CA GLY B 379 -0.66 4.05 3.49
C GLY B 379 0.48 5.00 3.15
N GLY B 380 1.61 4.46 2.71
CA GLY B 380 2.73 5.32 2.36
C GLY B 380 3.77 5.57 3.44
N ARG B 381 3.63 4.94 4.60
CA ARG B 381 4.60 5.14 5.67
C ARG B 381 4.82 3.91 6.53
N THR B 382 5.86 3.97 7.36
CA THR B 382 6.19 2.86 8.25
C THR B 382 5.31 2.95 9.48
N VAL B 383 4.61 1.86 9.78
CA VAL B 383 3.72 1.81 10.93
C VAL B 383 4.26 1.00 12.09
N GLY B 384 5.03 -0.03 11.79
CA GLY B 384 5.55 -0.84 12.87
C GLY B 384 6.84 -1.58 12.55
N ALA B 385 7.50 -2.01 13.62
CA ALA B 385 8.76 -2.74 13.52
C ALA B 385 8.62 -3.85 14.54
N GLY B 386 8.66 -5.10 14.09
CA GLY B 386 8.53 -6.20 15.01
C GLY B 386 9.48 -7.33 14.72
N VAL B 387 9.25 -8.43 15.41
CA VAL B 387 10.06 -9.62 15.25
C VAL B 387 9.12 -10.80 15.46
N VAL B 388 9.35 -11.89 14.74
CA VAL B 388 8.51 -13.08 14.90
C VAL B 388 8.82 -13.71 16.26
N ALA B 389 7.78 -13.97 17.04
CA ALA B 389 7.96 -14.56 18.36
C ALA B 389 7.72 -16.05 18.33
N LYS B 390 6.64 -16.46 17.69
CA LYS B 390 6.29 -17.86 17.60
C LYS B 390 5.64 -18.20 16.26
N VAL B 391 6.23 -19.17 15.57
CA VAL B 391 5.74 -19.60 14.28
C VAL B 391 4.57 -20.56 14.52
N LEU B 392 3.51 -20.40 13.73
CA LEU B 392 2.33 -21.26 13.88
C LEU B 392 2.00 -22.01 12.59
N SER B 393 1.48 -21.28 11.61
CA SER B 393 1.07 -21.82 10.31
C SER B 393 0.88 -23.33 10.31
#